data_4XUV
#
_entry.id   4XUV
#
_cell.length_a   126.258
_cell.length_b   126.258
_cell.length_c   117.307
_cell.angle_alpha   90.00
_cell.angle_beta   90.00
_cell.angle_gamma   90.00
#
_symmetry.space_group_name_H-M   'I 4'
#
loop_
_entity.id
_entity.type
_entity.pdbx_description
1 polymer 'Glycoside hydrolase family 105 protein'
2 non-polymer GLYCEROL
3 water water
#
_entity_poly.entity_id   1
_entity_poly.type   'polypeptide(L)'
_entity_poly.pdbx_seq_one_letter_code
;FQGTSAEVHAKIKLLINAMVNIRDTTGEFLLTLPDGRVIDTKGWHDWEWTHGIGLYGIWQYYTLTNDAAHLDVIEAWFRD
RFAAGGTTKNINTMAVFLTLACVYERTRNPAYLPWLDAWAEWAYHDLARTRRGGMQHVTYLEENAGQLWDDTLMMTVLPL
AKIGVVLGRPHYVAEAKRQFLLHVQYLGDVKTGLFFHGWQFAEEGPGGHHFATARWARGNSWVTIAVPEFLELLREAGMA
DEALEEFLKSTLQAQCEALRPLQVASTGLWRTLLDVPEEEGSYQEASATAGFAFGVLKGQRKRYLGPEFEDMAVKAVKGV
LANISEEGELLNTSFGTGMGRDLQHYKDIPVTSMPYGQAMAIMALVEFARRFI
;
_entity_poly.pdbx_strand_id   A,B
#
loop_
_chem_comp.id
_chem_comp.type
_chem_comp.name
_chem_comp.formula
GOL non-polymer GLYCEROL 'C3 H8 O3'
#
# COMPACT_ATOMS: atom_id res chain seq x y z
N PHE A 1 27.61 1.97 26.24
CA PHE A 1 26.47 1.57 27.05
C PHE A 1 26.87 1.37 28.51
N GLN A 2 26.33 2.21 29.39
CA GLN A 2 26.59 2.10 30.82
C GLN A 2 25.76 0.99 31.44
N GLY A 3 26.02 -0.24 31.00
CA GLY A 3 25.32 -1.41 31.49
C GLY A 3 25.98 -2.65 30.92
N THR A 4 25.42 -3.82 31.24
CA THR A 4 26.00 -5.06 30.75
C THR A 4 24.97 -5.95 30.06
N SER A 5 25.45 -6.86 29.23
CA SER A 5 24.61 -7.88 28.63
C SER A 5 23.99 -8.73 29.73
N ALA A 6 24.77 -9.00 30.77
CA ALA A 6 24.36 -9.86 31.86
C ALA A 6 23.20 -9.28 32.67
N GLU A 7 23.21 -7.97 32.88
CA GLU A 7 22.14 -7.32 33.63
C GLU A 7 20.84 -7.36 32.86
N VAL A 8 20.93 -7.15 31.55
CA VAL A 8 19.76 -7.21 30.68
C VAL A 8 19.11 -8.59 30.73
N HIS A 9 19.94 -9.62 30.70
CA HIS A 9 19.46 -10.99 30.82
C HIS A 9 18.79 -11.25 32.16
N ALA A 10 19.35 -10.67 33.22
CA ALA A 10 18.78 -10.80 34.56
C ALA A 10 17.41 -10.15 34.61
N LYS A 11 17.26 -9.01 33.94
CA LYS A 11 15.99 -8.30 33.90
C LYS A 11 14.96 -9.05 33.07
N ILE A 12 15.41 -9.68 31.98
CA ILE A 12 14.54 -10.50 31.14
C ILE A 12 13.95 -11.65 31.95
N LYS A 13 14.82 -12.35 32.68
CA LYS A 13 14.40 -13.48 33.49
C LYS A 13 13.52 -13.03 34.66
N LEU A 14 13.77 -11.82 35.15
CA LEU A 14 12.96 -11.24 36.22
C LEU A 14 11.53 -10.98 35.72
N LEU A 15 11.43 -10.42 34.52
CA LEU A 15 10.14 -10.12 33.91
C LEU A 15 9.36 -11.38 33.59
N ILE A 16 10.05 -12.37 33.00
CA ILE A 16 9.42 -13.62 32.61
C ILE A 16 8.82 -14.36 33.80
N ASN A 17 9.63 -14.54 34.84
CA ASN A 17 9.17 -15.23 36.04
C ASN A 17 8.06 -14.47 36.76
N ALA A 18 8.11 -13.14 36.68
CA ALA A 18 7.07 -12.31 37.28
C ALA A 18 5.77 -12.44 36.50
N MET A 19 5.88 -12.48 35.18
CA MET A 19 4.72 -12.57 34.30
C MET A 19 4.07 -13.95 34.34
N VAL A 20 4.91 -14.99 34.40
CA VAL A 20 4.43 -16.37 34.30
C VAL A 20 3.89 -16.89 35.63
N ASN A 21 4.62 -16.65 36.71
CA ASN A 21 4.21 -17.14 38.03
C ASN A 21 2.99 -16.40 38.57
N ILE A 22 2.53 -15.40 37.83
CA ILE A 22 1.29 -14.70 38.17
C ILE A 22 0.10 -15.65 38.09
N GLY A 43 -5.05 -13.63 34.79
CA GLY A 43 -3.75 -14.16 35.16
C GLY A 43 -3.09 -14.87 34.00
N TRP A 44 -1.92 -15.46 34.26
CA TRP A 44 -1.16 -16.15 33.23
C TRP A 44 -1.86 -17.41 32.74
N HIS A 45 -2.69 -18.00 33.60
CA HIS A 45 -3.43 -19.22 33.27
C HIS A 45 -4.78 -18.88 32.65
N ASP A 46 -4.91 -17.66 32.15
CA ASP A 46 -6.07 -17.28 31.35
C ASP A 46 -5.66 -17.23 29.88
N TRP A 47 -6.59 -16.86 29.02
CA TRP A 47 -6.30 -16.74 27.60
C TRP A 47 -6.89 -15.43 27.09
N GLU A 48 -6.08 -14.38 27.08
CA GLU A 48 -6.55 -13.05 26.71
C GLU A 48 -5.68 -12.43 25.62
N TRP A 49 -5.92 -11.15 25.35
CA TRP A 49 -5.24 -10.44 24.27
C TRP A 49 -3.77 -10.15 24.58
N THR A 50 -3.33 -10.48 25.80
CA THR A 50 -1.96 -10.19 26.22
C THR A 50 -1.06 -11.42 26.11
N HIS A 51 -1.65 -12.61 26.13
CA HIS A 51 -0.87 -13.84 26.13
C HIS A 51 -0.14 -14.08 24.81
N GLY A 52 -0.61 -13.42 23.75
CA GLY A 52 0.04 -13.53 22.45
C GLY A 52 1.46 -13.00 22.47
N ILE A 53 1.62 -11.74 22.89
CA ILE A 53 2.93 -11.13 22.98
C ILE A 53 3.72 -11.65 24.18
N GLY A 54 3.00 -12.09 25.20
CA GLY A 54 3.64 -12.68 26.37
C GLY A 54 4.38 -13.96 26.00
N LEU A 55 3.69 -14.86 25.31
CA LEU A 55 4.28 -16.10 24.85
C LEU A 55 5.35 -15.83 23.78
N TYR A 56 5.11 -14.84 22.94
CA TYR A 56 6.04 -14.52 21.86
C TYR A 56 7.35 -13.96 22.41
N GLY A 57 7.24 -13.12 23.45
CA GLY A 57 8.42 -12.57 24.10
C GLY A 57 9.28 -13.67 24.69
N ILE A 58 8.64 -14.65 25.31
CA ILE A 58 9.34 -15.81 25.86
C ILE A 58 9.97 -16.63 24.74
N TRP A 59 9.24 -16.79 23.64
CA TRP A 59 9.74 -17.53 22.49
C TRP A 59 10.99 -16.87 21.90
N GLN A 60 10.95 -15.55 21.79
CA GLN A 60 12.07 -14.80 21.24
C GLN A 60 13.31 -14.93 22.11
N TYR A 61 13.11 -15.07 23.42
CA TYR A 61 14.23 -15.28 24.34
C TYR A 61 14.77 -16.70 24.21
N TYR A 62 13.88 -17.64 23.90
CA TYR A 62 14.28 -19.03 23.71
C TYR A 62 15.14 -19.20 22.46
N THR A 63 14.79 -18.46 21.40
CA THR A 63 15.57 -18.51 20.17
C THR A 63 16.95 -17.90 20.37
N LEU A 64 17.06 -17.06 21.40
CA LEU A 64 18.32 -16.39 21.69
C LEU A 64 19.25 -17.23 22.57
N THR A 65 18.71 -17.78 23.66
CA THR A 65 19.55 -18.44 24.66
C THR A 65 19.36 -19.96 24.74
N ASN A 66 18.31 -20.47 24.09
CA ASN A 66 18.05 -21.90 24.00
C ASN A 66 17.92 -22.58 25.36
N ASP A 67 17.21 -21.92 26.28
CA ASP A 67 16.96 -22.50 27.60
C ASP A 67 15.66 -23.30 27.55
N ALA A 68 15.75 -24.59 27.84
CA ALA A 68 14.61 -25.50 27.76
C ALA A 68 13.47 -25.08 28.68
N ALA A 69 13.81 -24.42 29.79
CA ALA A 69 12.82 -23.98 30.77
C ALA A 69 11.83 -23.00 30.16
N HIS A 70 12.30 -22.19 29.21
CA HIS A 70 11.46 -21.19 28.58
C HIS A 70 10.53 -21.82 27.54
N LEU A 71 11.05 -22.82 26.83
CA LEU A 71 10.23 -23.60 25.90
C LEU A 71 9.21 -24.42 26.70
N ASP A 72 9.62 -24.87 27.88
CA ASP A 72 8.76 -25.64 28.77
C ASP A 72 7.53 -24.83 29.18
N VAL A 73 7.75 -23.55 29.50
CA VAL A 73 6.65 -22.67 29.90
C VAL A 73 5.65 -22.50 28.77
N ILE A 74 6.17 -22.29 27.57
CA ILE A 74 5.32 -22.12 26.38
C ILE A 74 4.49 -23.36 26.11
N GLU A 75 5.14 -24.52 26.07
CA GLU A 75 4.46 -25.78 25.77
C GLU A 75 3.49 -26.18 26.88
N ALA A 76 3.80 -25.79 28.11
CA ALA A 76 2.91 -26.10 29.23
C ALA A 76 1.65 -25.25 29.15
N TRP A 77 1.80 -24.01 28.71
CA TRP A 77 0.67 -23.10 28.56
C TRP A 77 -0.33 -23.65 27.55
N PHE A 78 0.17 -24.00 26.36
CA PHE A 78 -0.67 -24.54 25.29
C PHE A 78 -1.31 -25.87 25.71
N ARG A 79 -0.53 -26.71 26.37
CA ARG A 79 -1.01 -28.02 26.80
C ARG A 79 -2.20 -27.90 27.74
N ASP A 80 -2.11 -26.97 28.68
CA ASP A 80 -3.17 -26.80 29.68
C ASP A 80 -4.44 -26.15 29.12
N ARG A 81 -4.28 -25.19 28.21
CA ARG A 81 -5.42 -24.52 27.59
C ARG A 81 -6.18 -25.48 26.66
N PHE A 82 -5.41 -26.21 25.84
CA PHE A 82 -5.98 -27.16 24.88
C PHE A 82 -6.73 -28.26 25.60
N ALA A 83 -6.21 -28.65 26.77
CA ALA A 83 -6.87 -29.64 27.61
C ALA A 83 -8.14 -29.06 28.25
N ALA A 84 -8.15 -27.74 28.42
CA ALA A 84 -9.29 -27.07 29.01
C ALA A 84 -10.33 -26.70 27.95
N GLY A 85 -10.04 -27.04 26.70
CA GLY A 85 -10.99 -26.84 25.61
C GLY A 85 -10.72 -25.61 24.77
N GLY A 86 -9.62 -24.93 25.04
CA GLY A 86 -9.26 -23.73 24.30
C GLY A 86 -10.24 -22.59 24.55
N THR A 87 -10.38 -21.70 23.58
CA THR A 87 -11.32 -20.59 23.69
C THR A 87 -12.00 -20.30 22.35
N THR A 88 -12.98 -19.40 22.38
CA THR A 88 -13.65 -18.97 21.17
C THR A 88 -12.72 -18.12 20.31
N LYS A 89 -12.90 -18.21 19.00
CA LYS A 89 -11.99 -17.52 18.08
C LYS A 89 -12.40 -16.07 17.85
N ASN A 90 -11.46 -15.16 18.09
CA ASN A 90 -11.62 -13.76 17.73
C ASN A 90 -10.26 -13.18 17.35
N ILE A 91 -10.22 -11.87 17.10
CA ILE A 91 -8.99 -11.24 16.62
C ILE A 91 -7.89 -11.28 17.69
N ASN A 92 -8.28 -11.45 18.95
CA ASN A 92 -7.33 -11.41 20.06
C ASN A 92 -6.82 -12.80 20.46
N THR A 93 -7.73 -13.76 20.57
CA THR A 93 -7.35 -15.12 20.96
C THR A 93 -6.44 -15.77 19.91
N MET A 94 -6.50 -15.24 18.69
CA MET A 94 -5.69 -15.73 17.58
C MET A 94 -4.19 -15.47 17.80
N ALA A 95 -3.89 -14.50 18.67
CA ALA A 95 -2.53 -14.00 18.85
C ALA A 95 -1.52 -15.07 19.27
N VAL A 96 -1.94 -16.00 20.11
CA VAL A 96 -1.03 -17.00 20.67
C VAL A 96 -0.53 -17.98 19.61
N PHE A 97 -1.19 -18.02 18.46
CA PHE A 97 -0.87 -18.99 17.43
C PHE A 97 0.28 -18.54 16.54
N LEU A 98 0.75 -17.31 16.76
CA LEU A 98 2.01 -16.88 16.16
C LEU A 98 3.14 -17.67 16.79
N THR A 99 3.09 -17.78 18.11
CA THR A 99 4.09 -18.53 18.86
C THR A 99 3.97 -20.03 18.60
N LEU A 100 2.74 -20.52 18.54
CA LEU A 100 2.50 -21.94 18.31
C LEU A 100 3.07 -22.39 16.97
N ALA A 101 2.87 -21.57 15.94
CA ALA A 101 3.41 -21.87 14.62
C ALA A 101 4.93 -21.81 14.63
N CYS A 102 5.47 -20.88 15.40
CA CYS A 102 6.92 -20.76 15.54
C CYS A 102 7.51 -21.97 16.25
N VAL A 103 6.83 -22.42 17.30
CA VAL A 103 7.26 -23.61 18.04
C VAL A 103 7.16 -24.85 17.16
N TYR A 104 6.04 -24.98 16.46
CA TYR A 104 5.84 -26.14 15.58
C TYR A 104 6.90 -26.20 14.49
N GLU A 105 7.31 -25.04 13.99
CA GLU A 105 8.31 -24.96 12.93
C GLU A 105 9.60 -25.67 13.34
N ARG A 106 9.92 -25.60 14.63
CA ARG A 106 11.14 -26.22 15.14
C ARG A 106 10.92 -27.64 15.66
N THR A 107 9.92 -27.81 16.52
CA THR A 107 9.70 -29.10 17.18
C THR A 107 8.91 -30.09 16.33
N ARG A 108 8.11 -29.57 15.40
CA ARG A 108 7.28 -30.39 14.52
C ARG A 108 6.29 -31.26 15.29
N ASN A 109 5.87 -30.77 16.45
CA ASN A 109 4.92 -31.49 17.29
C ASN A 109 3.56 -31.64 16.60
N PRO A 110 3.19 -32.89 16.25
CA PRO A 110 1.95 -33.17 15.51
C PRO A 110 0.70 -32.80 16.29
N ALA A 111 0.83 -32.67 17.61
CA ALA A 111 -0.30 -32.31 18.47
C ALA A 111 -0.82 -30.91 18.15
N TYR A 112 0.02 -30.10 17.51
CA TYR A 112 -0.32 -28.72 17.21
C TYR A 112 -1.02 -28.57 15.86
N LEU A 113 -0.88 -29.58 15.00
CA LEU A 113 -1.42 -29.52 13.65
C LEU A 113 -2.93 -29.22 13.55
N PRO A 114 -3.78 -29.93 14.31
CA PRO A 114 -5.20 -29.61 14.17
C PRO A 114 -5.55 -28.21 14.66
N TRP A 115 -4.79 -27.71 15.63
CA TRP A 115 -5.02 -26.37 16.16
C TRP A 115 -4.59 -25.29 15.17
N LEU A 116 -3.40 -25.46 14.60
CA LEU A 116 -2.90 -24.55 13.59
C LEU A 116 -3.83 -24.51 12.38
N ASP A 117 -4.33 -25.67 12.00
CA ASP A 117 -5.24 -25.80 10.87
C ASP A 117 -6.58 -25.10 11.13
N ALA A 118 -7.20 -25.43 12.25
CA ALA A 118 -8.53 -24.91 12.57
C ALA A 118 -8.57 -23.40 12.68
N TRP A 119 -7.59 -22.82 13.36
CA TRP A 119 -7.59 -21.38 13.62
C TRP A 119 -7.17 -20.56 12.40
N ALA A 120 -6.29 -21.11 11.58
CA ALA A 120 -5.87 -20.42 10.37
C ALA A 120 -6.98 -20.45 9.32
N GLU A 121 -7.69 -21.57 9.25
CA GLU A 121 -8.83 -21.70 8.34
C GLU A 121 -9.93 -20.72 8.72
N TRP A 122 -10.13 -20.53 10.03
CA TRP A 122 -11.09 -19.54 10.51
C TRP A 122 -10.68 -18.13 10.12
N ALA A 123 -9.41 -17.80 10.37
CA ALA A 123 -8.90 -16.47 10.07
C ALA A 123 -8.97 -16.16 8.58
N TYR A 124 -8.70 -17.17 7.76
CA TYR A 124 -8.68 -17.00 6.32
C TYR A 124 -10.09 -16.98 5.73
N HIS A 125 -10.92 -17.94 6.14
CA HIS A 125 -12.23 -18.13 5.53
C HIS A 125 -13.38 -17.50 6.32
N ASP A 126 -13.36 -17.63 7.63
CA ASP A 126 -14.55 -17.38 8.44
C ASP A 126 -14.58 -16.04 9.17
N LEU A 127 -13.41 -15.56 9.57
CA LEU A 127 -13.31 -14.26 10.27
C LEU A 127 -13.99 -13.17 9.46
N ALA A 128 -14.84 -12.39 10.13
CA ALA A 128 -15.63 -11.35 9.48
C ALA A 128 -14.74 -10.37 8.72
N ARG A 129 -15.18 -9.99 7.52
CA ARG A 129 -14.44 -9.04 6.71
C ARG A 129 -15.19 -7.73 6.55
N THR A 130 -14.45 -6.62 6.64
CA THR A 130 -15.02 -5.32 6.36
C THR A 130 -15.05 -5.08 4.86
N ARG A 131 -15.39 -3.87 4.46
CA ARG A 131 -15.29 -3.49 3.06
C ARG A 131 -13.82 -3.55 2.65
N ARG A 132 -13.57 -3.72 1.36
CA ARG A 132 -12.22 -3.86 0.80
C ARG A 132 -11.52 -5.13 1.27
N GLY A 133 -12.26 -6.01 1.93
CA GLY A 133 -11.73 -7.29 2.36
C GLY A 133 -10.82 -7.22 3.57
N GLY A 134 -10.96 -6.16 4.35
CA GLY A 134 -10.15 -6.00 5.55
C GLY A 134 -10.63 -6.88 6.69
N MET A 135 -9.70 -7.36 7.51
CA MET A 135 -10.06 -8.18 8.66
C MET A 135 -10.67 -7.35 9.77
N GLN A 136 -11.96 -7.59 10.03
CA GLN A 136 -12.70 -6.87 11.05
C GLN A 136 -12.15 -7.19 12.44
N HIS A 137 -11.95 -6.17 13.26
CA HIS A 137 -11.41 -6.37 14.60
C HIS A 137 -12.47 -6.93 15.55
N VAL A 138 -12.84 -8.19 15.31
CA VAL A 138 -13.83 -8.86 16.15
C VAL A 138 -13.21 -9.28 17.47
N THR A 139 -13.84 -8.88 18.58
CA THR A 139 -13.33 -9.26 19.89
C THR A 139 -14.33 -10.14 20.64
N TYR A 140 -13.97 -10.49 21.87
CA TYR A 140 -14.75 -11.39 22.70
C TYR A 140 -16.14 -10.85 23.04
N LEU A 141 -16.25 -9.53 23.14
CA LEU A 141 -17.50 -8.91 23.60
C LEU A 141 -18.24 -8.15 22.51
N GLU A 142 -17.54 -7.77 21.44
CA GLU A 142 -18.12 -6.90 20.42
C GLU A 142 -17.75 -7.34 19.02
N GLU A 143 -18.65 -7.08 18.07
CA GLU A 143 -18.39 -7.41 16.67
C GLU A 143 -17.54 -6.34 15.99
N ASN A 144 -17.73 -5.09 16.40
CA ASN A 144 -17.04 -3.95 15.80
C ASN A 144 -17.20 -3.91 14.29
N ALA A 145 -18.43 -3.84 13.84
CA ALA A 145 -18.75 -3.90 12.41
C ALA A 145 -18.06 -2.80 11.61
N GLY A 146 -17.31 -3.20 10.59
CA GLY A 146 -16.66 -2.26 9.70
C GLY A 146 -15.44 -1.58 10.28
N GLN A 147 -14.87 -2.17 11.33
CA GLN A 147 -13.74 -1.55 12.02
C GLN A 147 -12.41 -2.26 11.77
N LEU A 148 -11.39 -1.46 11.48
CA LEU A 148 -10.02 -1.95 11.42
C LEU A 148 -9.20 -1.28 12.51
N TRP A 149 -8.47 -2.08 13.29
CA TRP A 149 -7.62 -1.53 14.34
C TRP A 149 -6.14 -1.78 14.02
N ASP A 150 -5.28 -1.04 14.73
CA ASP A 150 -3.84 -1.14 14.51
C ASP A 150 -3.26 -2.48 14.91
N ASP A 151 -3.74 -3.05 16.01
CA ASP A 151 -3.14 -4.25 16.57
C ASP A 151 -3.49 -5.54 15.82
N THR A 152 -4.40 -5.45 14.86
CA THR A 152 -4.81 -6.60 14.06
C THR A 152 -3.62 -7.27 13.39
N LEU A 153 -2.68 -6.46 12.93
CA LEU A 153 -1.47 -6.95 12.26
C LEU A 153 -0.71 -7.95 13.14
N MET A 154 -0.54 -7.60 14.40
CA MET A 154 0.16 -8.47 15.34
C MET A 154 -0.76 -9.57 15.87
N MET A 155 -2.00 -9.22 16.15
CA MET A 155 -2.94 -10.13 16.79
C MET A 155 -3.38 -11.29 15.89
N THR A 156 -3.57 -11.04 14.60
CA THR A 156 -4.14 -12.07 13.74
C THR A 156 -3.35 -12.27 12.44
N VAL A 157 -2.93 -11.18 11.83
CA VAL A 157 -2.26 -11.25 10.52
C VAL A 157 -0.93 -12.01 10.59
N LEU A 158 -0.10 -11.69 11.57
CA LEU A 158 1.17 -12.40 11.75
C LEU A 158 0.96 -13.88 12.11
N PRO A 159 0.00 -14.19 13.02
CA PRO A 159 -0.30 -15.62 13.21
C PRO A 159 -0.70 -16.34 11.92
N LEU A 160 -1.56 -15.74 11.12
CA LEU A 160 -2.01 -16.35 9.88
C LEU A 160 -0.84 -16.57 8.91
N ALA A 161 0.03 -15.58 8.80
CA ALA A 161 1.18 -15.64 7.91
C ALA A 161 2.14 -16.77 8.28
N LYS A 162 2.42 -16.89 9.57
CA LYS A 162 3.37 -17.89 10.04
C LYS A 162 2.83 -19.31 9.89
N ILE A 163 1.53 -19.48 10.11
CA ILE A 163 0.89 -20.78 9.93
C ILE A 163 0.92 -21.17 8.46
N GLY A 164 0.75 -20.19 7.58
CA GLY A 164 0.83 -20.41 6.15
C GLY A 164 2.19 -20.92 5.75
N VAL A 165 3.22 -20.43 6.42
CA VAL A 165 4.59 -20.86 6.17
C VAL A 165 4.81 -22.30 6.62
N VAL A 166 4.48 -22.58 7.88
CA VAL A 166 4.78 -23.87 8.49
C VAL A 166 3.89 -25.00 7.99
N LEU A 167 2.71 -24.66 7.47
CA LEU A 167 1.81 -25.66 6.93
C LEU A 167 1.94 -25.78 5.42
N GLY A 168 2.73 -24.89 4.84
CA GLY A 168 2.92 -24.87 3.40
C GLY A 168 1.66 -24.45 2.67
N ARG A 169 1.02 -23.41 3.19
CA ARG A 169 -0.19 -22.88 2.58
C ARG A 169 0.01 -21.41 2.19
N PRO A 170 0.55 -21.18 0.99
CA PRO A 170 0.97 -19.86 0.50
C PRO A 170 -0.17 -18.84 0.40
N HIS A 171 -1.39 -19.31 0.21
CA HIS A 171 -2.53 -18.41 0.10
C HIS A 171 -2.81 -17.68 1.41
N TYR A 172 -2.42 -18.29 2.53
CA TYR A 172 -2.47 -17.63 3.83
C TYR A 172 -1.57 -16.41 3.82
N VAL A 173 -0.37 -16.57 3.27
CA VAL A 173 0.64 -15.52 3.26
C VAL A 173 0.24 -14.37 2.35
N ALA A 174 -0.35 -14.71 1.20
CA ALA A 174 -0.83 -13.69 0.27
C ALA A 174 -1.91 -12.83 0.92
N GLU A 175 -2.80 -13.47 1.67
CA GLU A 175 -3.84 -12.76 2.41
C GLU A 175 -3.21 -11.85 3.47
N ALA A 176 -2.16 -12.34 4.10
CA ALA A 176 -1.45 -11.57 5.13
C ALA A 176 -0.82 -10.32 4.54
N LYS A 177 -0.19 -10.48 3.37
CA LYS A 177 0.39 -9.34 2.65
C LYS A 177 -0.70 -8.32 2.32
N ARG A 178 -1.83 -8.82 1.86
CA ARG A 178 -2.98 -8.00 1.52
C ARG A 178 -3.48 -7.19 2.72
N GLN A 179 -3.52 -7.84 3.88
CA GLN A 179 -3.98 -7.18 5.10
C GLN A 179 -3.04 -6.07 5.54
N PHE A 180 -1.73 -6.30 5.38
CA PHE A 180 -0.75 -5.27 5.71
C PHE A 180 -0.92 -4.04 4.84
N LEU A 181 -1.17 -4.26 3.56
CA LEU A 181 -1.40 -3.16 2.63
C LEU A 181 -2.67 -2.39 2.99
N LEU A 182 -3.71 -3.13 3.37
CA LEU A 182 -4.99 -2.52 3.70
C LEU A 182 -4.93 -1.70 4.98
N HIS A 183 -4.21 -2.18 5.98
CA HIS A 183 -4.13 -1.49 7.26
C HIS A 183 -3.22 -0.26 7.20
N VAL A 184 -2.17 -0.33 6.38
CA VAL A 184 -1.34 0.85 6.15
C VAL A 184 -2.16 1.91 5.42
N GLN A 185 -3.01 1.46 4.51
CA GLN A 185 -3.86 2.36 3.73
C GLN A 185 -4.90 3.07 4.59
N TYR A 186 -5.55 2.33 5.47
CA TYR A 186 -6.69 2.85 6.21
C TYR A 186 -6.37 3.32 7.64
N LEU A 187 -5.12 3.17 8.05
CA LEU A 187 -4.73 3.63 9.38
C LEU A 187 -3.53 4.58 9.31
N GLY A 188 -2.82 4.54 8.19
CA GLY A 188 -1.66 5.39 8.01
C GLY A 188 -2.00 6.86 7.91
N ASP A 189 -1.16 7.70 8.50
CA ASP A 189 -1.32 9.15 8.44
C ASP A 189 -0.05 9.79 7.91
N VAL A 190 0.03 9.95 6.59
CA VAL A 190 1.24 10.41 5.93
C VAL A 190 1.65 11.82 6.33
N LYS A 191 0.70 12.61 6.83
CA LYS A 191 0.98 13.97 7.25
C LYS A 191 1.89 14.02 8.48
N THR A 192 1.81 12.99 9.32
CA THR A 192 2.62 12.93 10.52
C THR A 192 3.61 11.78 10.46
N GLY A 193 3.26 10.74 9.71
CA GLY A 193 4.07 9.54 9.64
C GLY A 193 3.60 8.52 10.65
N LEU A 194 2.65 8.91 11.48
CA LEU A 194 2.11 8.03 12.51
C LEU A 194 0.88 7.28 12.01
N PHE A 195 0.25 6.52 12.90
CA PHE A 195 -0.90 5.70 12.53
C PHE A 195 -2.12 5.98 13.41
N PHE A 196 -3.29 6.06 12.78
CA PHE A 196 -4.54 6.15 13.53
C PHE A 196 -4.80 4.84 14.26
N HIS A 197 -5.54 4.90 15.35
CA HIS A 197 -5.86 3.70 16.12
C HIS A 197 -6.87 2.84 15.39
N GLY A 198 -7.93 3.45 14.89
CA GLY A 198 -8.99 2.71 14.24
C GLY A 198 -9.58 3.39 13.02
N TRP A 199 -10.31 2.61 12.22
CA TRP A 199 -10.98 3.12 11.04
C TRP A 199 -12.39 2.54 10.92
N GLN A 200 -13.36 3.40 10.65
CA GLN A 200 -14.72 2.95 10.42
C GLN A 200 -15.10 3.09 8.96
N PHE A 201 -15.53 2.00 8.35
CA PHE A 201 -16.15 2.07 7.04
C PHE A 201 -17.57 2.58 7.20
N ALA A 202 -17.99 3.48 6.32
CA ALA A 202 -19.36 3.96 6.34
C ALA A 202 -20.31 2.78 6.14
N GLU A 203 -21.43 2.78 6.84
CA GLU A 203 -22.42 1.72 6.72
C GLU A 203 -22.87 1.59 5.27
N GLU A 204 -23.22 2.72 4.68
CA GLU A 204 -23.57 2.78 3.27
C GLU A 204 -22.79 3.88 2.58
N GLY A 205 -22.41 3.64 1.33
CA GLY A 205 -21.65 4.63 0.58
C GLY A 205 -20.16 4.53 0.80
N PRO A 206 -19.37 5.32 0.05
CA PRO A 206 -17.91 5.29 0.07
C PRO A 206 -17.31 5.99 1.29
N GLY A 207 -16.08 5.62 1.64
CA GLY A 207 -15.34 6.29 2.69
C GLY A 207 -15.67 5.84 4.10
N GLY A 208 -15.49 6.76 5.05
CA GLY A 208 -15.69 6.48 6.46
C GLY A 208 -14.92 7.46 7.31
N HIS A 209 -14.42 7.01 8.46
CA HIS A 209 -13.68 7.89 9.36
C HIS A 209 -12.77 7.15 10.34
N HIS A 210 -11.70 7.80 10.74
CA HIS A 210 -10.84 7.31 11.82
C HIS A 210 -11.48 7.70 13.16
N PHE A 211 -11.18 6.94 14.22
CA PHE A 211 -11.69 7.28 15.56
C PHE A 211 -10.66 7.96 16.44
N ALA A 212 -10.05 7.11 17.29
CA ALA A 212 -9.24 7.54 18.42
C ALA A 212 -7.88 8.08 18.03
N THR A 213 -7.86 8.97 17.04
CA THR A 213 -6.67 9.75 16.69
C THR A 213 -5.46 8.91 16.26
N ALA A 214 -4.42 9.61 15.83
CA ALA A 214 -3.17 8.96 15.42
C ALA A 214 -2.05 9.33 16.39
N ARG A 215 -2.38 9.42 17.67
CA ARG A 215 -1.42 9.89 18.66
C ARG A 215 -1.16 8.90 19.80
N TRP A 216 -1.86 7.77 19.81
CA TRP A 216 -1.68 6.80 20.89
C TRP A 216 -0.36 6.04 20.74
N ALA A 217 0.41 6.02 21.82
CA ALA A 217 1.71 5.36 21.83
C ALA A 217 1.57 3.84 21.73
N ARG A 218 0.65 3.28 22.49
CA ARG A 218 0.40 1.83 22.47
C ARG A 218 -0.03 1.36 21.09
N GLY A 219 -0.99 2.07 20.49
CA GLY A 219 -1.51 1.71 19.19
C GLY A 219 -0.46 1.76 18.10
N ASN A 220 0.32 2.84 18.08
CA ASN A 220 1.37 3.01 17.09
C ASN A 220 2.48 1.97 17.22
N SER A 221 2.73 1.54 18.47
CA SER A 221 3.80 0.58 18.73
C SER A 221 3.45 -0.81 18.18
N TRP A 222 2.16 -1.07 18.02
CA TRP A 222 1.71 -2.34 17.43
C TRP A 222 2.17 -2.45 15.99
N VAL A 223 2.18 -1.32 15.28
CA VAL A 223 2.64 -1.29 13.90
C VAL A 223 4.15 -1.37 13.83
N THR A 224 4.82 -0.71 14.76
CA THR A 224 6.28 -0.70 14.83
C THR A 224 6.83 -2.10 15.11
N ILE A 225 6.03 -2.92 15.77
CA ILE A 225 6.43 -4.29 16.09
C ILE A 225 6.13 -5.23 14.93
N ALA A 226 4.95 -5.06 14.33
CA ALA A 226 4.46 -5.97 13.31
C ALA A 226 5.27 -5.96 12.02
N VAL A 227 5.67 -4.76 11.57
CA VAL A 227 6.35 -4.62 10.28
C VAL A 227 7.70 -5.36 10.21
N PRO A 228 8.59 -5.17 11.20
CA PRO A 228 9.85 -5.92 11.10
C PRO A 228 9.66 -7.43 11.21
N GLU A 229 8.72 -7.87 12.04
CA GLU A 229 8.43 -9.29 12.20
C GLU A 229 7.93 -9.90 10.89
N PHE A 230 7.07 -9.15 10.20
CA PHE A 230 6.48 -9.63 8.95
C PHE A 230 7.52 -9.72 7.85
N LEU A 231 8.36 -8.69 7.74
CA LEU A 231 9.41 -8.67 6.71
C LEU A 231 10.41 -9.81 6.92
N GLU A 232 10.74 -10.07 8.18
CA GLU A 232 11.66 -11.17 8.51
C GLU A 232 10.99 -12.52 8.23
N LEU A 233 9.72 -12.62 8.57
CA LEU A 233 8.94 -13.83 8.34
C LEU A 233 8.97 -14.22 6.86
N LEU A 234 8.71 -13.24 6.01
CA LEU A 234 8.66 -13.47 4.56
C LEU A 234 10.02 -13.89 4.01
N ARG A 235 11.07 -13.19 4.43
CA ARG A 235 12.42 -13.46 3.93
C ARG A 235 12.90 -14.85 4.31
N GLU A 236 12.66 -15.24 5.55
CA GLU A 236 13.08 -16.55 6.03
C GLU A 236 12.27 -17.66 5.38
N ALA A 237 11.04 -17.33 4.98
CA ALA A 237 10.15 -18.30 4.35
C ALA A 237 10.40 -18.39 2.84
N GLY A 238 11.20 -17.45 2.33
CA GLY A 238 11.48 -17.39 0.91
C GLY A 238 10.30 -16.85 0.12
N MET A 239 9.47 -16.06 0.80
CA MET A 239 8.28 -15.50 0.17
C MET A 239 8.30 -13.98 0.18
N ALA A 240 9.49 -13.41 0.22
CA ALA A 240 9.64 -11.96 0.28
C ALA A 240 9.36 -11.32 -1.08
N ASP A 241 8.73 -10.15 -1.05
CA ASP A 241 8.50 -9.37 -2.26
C ASP A 241 9.27 -8.06 -2.16
N GLU A 242 10.06 -7.76 -3.18
CA GLU A 242 10.95 -6.59 -3.15
C GLU A 242 10.19 -5.28 -3.02
N ALA A 243 9.16 -5.11 -3.83
CA ALA A 243 8.35 -3.89 -3.80
C ALA A 243 7.66 -3.73 -2.45
N LEU A 244 7.13 -4.83 -1.93
CA LEU A 244 6.45 -4.81 -0.64
C LEU A 244 7.40 -4.47 0.49
N GLU A 245 8.60 -5.05 0.46
CA GLU A 245 9.59 -4.81 1.51
C GLU A 245 10.05 -3.35 1.51
N GLU A 246 10.32 -2.82 0.33
CA GLU A 246 10.75 -1.42 0.20
C GLU A 246 9.64 -0.48 0.65
N PHE A 247 8.39 -0.86 0.38
CA PHE A 247 7.24 -0.06 0.75
C PHE A 247 7.03 -0.02 2.27
N LEU A 248 7.09 -1.20 2.89
CA LEU A 248 6.90 -1.30 4.34
C LEU A 248 8.09 -0.75 5.10
N LYS A 249 9.28 -0.84 4.50
CA LYS A 249 10.48 -0.27 5.10
C LYS A 249 10.37 1.26 5.20
N SER A 250 9.97 1.88 4.10
CA SER A 250 9.81 3.32 4.05
CA SER A 250 9.81 3.32 4.05
C SER A 250 8.70 3.79 4.99
N THR A 251 7.68 2.95 5.15
CA THR A 251 6.57 3.24 6.05
C THR A 251 7.05 3.21 7.50
N LEU A 252 7.81 2.17 7.84
CA LEU A 252 8.40 2.05 9.16
C LEU A 252 9.39 3.18 9.41
N GLN A 253 10.18 3.50 8.39
CA GLN A 253 11.12 4.61 8.45
C GLN A 253 10.41 5.92 8.74
N ALA A 254 9.27 6.13 8.11
CA ALA A 254 8.50 7.36 8.27
C ALA A 254 7.97 7.50 9.70
N GLN A 255 7.58 6.39 10.30
CA GLN A 255 7.07 6.40 11.66
C GLN A 255 8.17 6.70 12.67
N CYS A 256 9.35 6.12 12.43
CA CYS A 256 10.49 6.32 13.31
C CYS A 256 10.97 7.77 13.30
N GLU A 257 10.90 8.40 12.13
CA GLU A 257 11.27 9.80 11.98
C GLU A 257 10.31 10.68 12.77
N ALA A 258 9.05 10.27 12.83
CA ALA A 258 8.03 11.00 13.57
C ALA A 258 8.24 10.85 15.08
N LEU A 259 8.70 9.68 15.49
CA LEU A 259 8.86 9.36 16.90
C LEU A 259 10.08 10.05 17.53
N ARG A 260 11.08 10.35 16.71
CA ARG A 260 12.34 10.90 17.20
C ARG A 260 12.20 12.22 17.97
N PRO A 261 11.46 13.21 17.42
CA PRO A 261 11.36 14.44 18.23
C PRO A 261 10.34 14.34 19.36
N LEU A 262 9.50 13.30 19.32
CA LEU A 262 8.43 13.15 20.31
C LEU A 262 8.94 12.46 21.58
N GLN A 263 10.09 11.82 21.49
CA GLN A 263 10.68 11.13 22.63
C GLN A 263 11.13 12.12 23.72
N VAL A 264 10.86 11.78 24.97
CA VAL A 264 11.36 12.57 26.08
C VAL A 264 12.85 12.30 26.27
N ALA A 265 13.67 13.30 26.00
CA ALA A 265 15.12 13.14 25.93
C ALA A 265 15.76 12.70 27.24
N SER A 266 15.14 13.06 28.36
CA SER A 266 15.72 12.78 29.67
C SER A 266 15.43 11.37 30.16
N THR A 267 14.27 10.82 29.77
CA THR A 267 13.86 9.50 30.24
C THR A 267 13.88 8.47 29.13
N GLY A 268 13.80 8.92 27.89
CA GLY A 268 13.81 8.03 26.74
C GLY A 268 12.44 7.44 26.45
N LEU A 269 11.45 7.85 27.24
CA LEU A 269 10.10 7.34 27.08
C LEU A 269 9.27 8.24 26.17
N TRP A 270 8.19 7.67 25.62
CA TRP A 270 7.21 8.45 24.88
C TRP A 270 5.96 8.64 25.74
N ARG A 271 5.21 9.69 25.46
CA ARG A 271 3.97 9.96 26.19
C ARG A 271 2.83 9.13 25.61
N THR A 272 1.87 8.77 26.46
CA THR A 272 0.77 7.90 26.05
C THR A 272 0.01 8.47 24.85
N LEU A 273 -0.18 9.79 24.85
CA LEU A 273 -0.59 10.50 23.65
C LEU A 273 0.65 11.18 23.10
N LEU A 274 1.16 10.67 21.98
CA LEU A 274 2.49 11.01 21.48
C LEU A 274 2.77 12.51 21.33
N ASP A 275 1.80 13.25 20.82
CA ASP A 275 2.01 14.68 20.54
C ASP A 275 1.36 15.59 21.58
N VAL A 276 0.96 15.00 22.70
CA VAL A 276 0.30 15.76 23.77
C VAL A 276 1.20 15.87 24.99
N PRO A 277 1.38 17.10 25.51
CA PRO A 277 2.25 17.33 26.68
C PRO A 277 1.77 16.65 27.95
N GLU A 278 2.69 16.40 28.88
CA GLU A 278 2.35 15.88 30.20
C GLU A 278 1.51 16.89 30.96
N GLU A 279 1.69 18.16 30.62
CA GLU A 279 0.94 19.26 31.19
C GLU A 279 -0.57 19.09 31.00
N GLU A 280 -0.95 18.32 29.98
CA GLU A 280 -2.35 18.14 29.65
C GLU A 280 -2.84 16.71 29.91
N GLY A 281 -2.07 15.96 30.67
CA GLY A 281 -2.49 14.63 31.12
C GLY A 281 -1.93 13.45 30.36
N SER A 282 -1.00 13.72 29.43
CA SER A 282 -0.38 12.65 28.67
C SER A 282 0.93 12.23 29.31
N TYR A 283 0.85 11.26 30.23
CA TYR A 283 2.00 10.81 30.99
C TYR A 283 2.93 9.92 30.16
N GLN A 284 4.17 9.79 30.61
CA GLN A 284 5.15 8.93 29.97
C GLN A 284 4.78 7.46 30.20
N GLU A 285 4.86 6.65 29.15
CA GLU A 285 4.46 5.25 29.24
C GLU A 285 5.60 4.32 28.85
N ALA A 286 6.05 3.51 29.81
CA ALA A 286 7.18 2.61 29.60
C ALA A 286 6.80 1.41 28.75
N SER A 287 5.54 0.99 28.85
CA SER A 287 5.06 -0.19 28.13
C SER A 287 5.11 0.01 26.62
N ALA A 288 4.54 1.12 26.16
CA ALA A 288 4.53 1.46 24.74
C ALA A 288 5.94 1.79 24.26
N THR A 289 6.73 2.38 25.15
CA THR A 289 8.12 2.70 24.85
C THR A 289 8.91 1.43 24.58
N ALA A 290 8.60 0.38 25.34
CA ALA A 290 9.21 -0.93 25.15
C ALA A 290 8.83 -1.50 23.79
N GLY A 291 7.58 -1.24 23.38
CA GLY A 291 7.10 -1.67 22.08
C GLY A 291 7.86 -1.01 20.95
N PHE A 292 8.04 0.30 21.06
CA PHE A 292 8.81 1.07 20.09
C PHE A 292 10.27 0.60 20.06
N ALA A 293 10.82 0.38 21.24
CA ALA A 293 12.22 -0.04 21.38
C ALA A 293 12.51 -1.32 20.61
N PHE A 294 11.63 -2.30 20.74
CA PHE A 294 11.79 -3.57 20.03
C PHE A 294 11.79 -3.38 18.52
N GLY A 295 10.79 -2.67 18.02
CA GLY A 295 10.62 -2.46 16.59
C GLY A 295 11.77 -1.73 15.94
N VAL A 296 12.26 -0.68 16.61
CA VAL A 296 13.36 0.12 16.08
C VAL A 296 14.67 -0.65 16.14
N LEU A 297 14.89 -1.37 17.24
CA LEU A 297 16.10 -2.16 17.41
C LEU A 297 16.19 -3.28 16.36
N LYS A 298 15.09 -3.99 16.19
CA LYS A 298 15.07 -5.10 15.23
C LYS A 298 15.09 -4.57 13.79
N GLY A 299 14.45 -3.43 13.58
CA GLY A 299 14.46 -2.80 12.27
C GLY A 299 15.87 -2.48 11.82
N GLN A 300 16.70 -2.02 12.77
CA GLN A 300 18.08 -1.71 12.48
C GLN A 300 18.93 -2.97 12.28
N ARG A 301 18.73 -3.95 13.16
CA ARG A 301 19.50 -5.19 13.12
C ARG A 301 19.27 -5.95 11.82
N LYS A 302 18.02 -5.98 11.36
CA LYS A 302 17.68 -6.64 10.11
C LYS A 302 17.92 -5.71 8.92
N ARG A 303 18.41 -4.51 9.23
CA ARG A 303 18.75 -3.50 8.23
C ARG A 303 17.55 -3.00 7.44
N TYR A 304 16.37 -3.06 8.04
CA TYR A 304 15.19 -2.41 7.48
C TYR A 304 15.31 -0.91 7.71
N LEU A 305 16.10 -0.56 8.73
CA LEU A 305 16.37 0.82 9.08
C LEU A 305 17.87 1.05 9.16
N GLY A 306 18.29 2.31 9.06
CA GLY A 306 19.68 2.67 9.22
C GLY A 306 20.04 2.81 10.67
N PRO A 307 21.30 3.19 10.97
CA PRO A 307 21.77 3.35 12.34
C PRO A 307 21.37 4.69 12.96
N GLU A 308 20.61 5.50 12.22
CA GLU A 308 20.28 6.86 12.64
C GLU A 308 19.36 6.90 13.87
N PHE A 309 18.65 5.81 14.13
CA PHE A 309 17.72 5.77 15.26
C PHE A 309 18.29 5.03 16.45
N GLU A 310 19.59 4.77 16.43
CA GLU A 310 20.24 3.98 17.47
C GLU A 310 20.18 4.67 18.83
N ASP A 311 20.50 5.96 18.86
CA ASP A 311 20.44 6.74 20.09
C ASP A 311 19.03 6.74 20.69
N MET A 312 18.04 6.91 19.82
CA MET A 312 16.64 6.89 20.22
C MET A 312 16.24 5.55 20.83
N ALA A 313 16.64 4.47 20.17
CA ALA A 313 16.29 3.13 20.61
C ALA A 313 16.96 2.75 21.93
N VAL A 314 18.24 3.11 22.06
CA VAL A 314 19.00 2.78 23.27
C VAL A 314 18.49 3.56 24.48
N LYS A 315 18.15 4.83 24.26
CA LYS A 315 17.58 5.64 25.33
C LYS A 315 16.22 5.11 25.75
N ALA A 316 15.51 4.51 24.81
CA ALA A 316 14.22 3.89 25.10
C ALA A 316 14.41 2.65 25.98
N VAL A 317 15.44 1.87 25.67
CA VAL A 317 15.75 0.67 26.43
C VAL A 317 16.14 1.01 27.87
N LYS A 318 16.97 2.04 28.01
CA LYS A 318 17.41 2.51 29.34
C LYS A 318 16.21 3.00 30.14
N GLY A 319 15.22 3.58 29.46
CA GLY A 319 14.01 4.06 30.11
C GLY A 319 13.21 2.88 30.59
N VAL A 320 13.15 1.82 29.78
CA VAL A 320 12.43 0.61 30.15
C VAL A 320 13.11 -0.05 31.34
N LEU A 321 14.43 -0.15 31.28
CA LEU A 321 15.22 -0.72 32.37
C LEU A 321 14.99 0.04 33.68
N ALA A 322 14.93 1.36 33.59
CA ALA A 322 14.77 2.20 34.77
C ALA A 322 13.39 2.09 35.39
N ASN A 323 12.43 1.59 34.61
CA ASN A 323 11.05 1.49 35.08
C ASN A 323 10.61 0.04 35.30
N ILE A 324 11.58 -0.84 35.55
CA ILE A 324 11.27 -2.21 35.92
C ILE A 324 11.55 -2.40 37.41
N SER A 325 10.50 -2.57 38.20
CA SER A 325 10.64 -2.76 39.63
C SER A 325 11.40 -4.05 39.95
N GLU A 326 11.74 -4.22 41.23
CA GLU A 326 12.45 -5.41 41.66
C GLU A 326 11.55 -6.64 41.69
N GLU A 327 10.24 -6.41 41.50
CA GLU A 327 9.28 -7.50 41.36
C GLU A 327 8.93 -7.72 39.88
N GLY A 328 9.74 -7.14 39.00
CA GLY A 328 9.59 -7.36 37.56
C GLY A 328 8.31 -6.83 36.98
N GLU A 329 7.89 -5.65 37.43
CA GLU A 329 6.69 -5.03 36.90
C GLU A 329 7.00 -3.64 36.36
N LEU A 330 6.22 -3.20 35.39
CA LEU A 330 6.36 -1.85 34.87
C LEU A 330 5.54 -0.88 35.72
N LEU A 331 5.26 0.29 35.16
CA LEU A 331 4.64 1.43 35.86
C LEU A 331 5.58 2.07 36.87
N SER A 353 -2.40 -2.34 30.98
CA SER A 353 -2.36 -3.71 31.47
C SER A 353 -0.96 -4.09 31.93
N MET A 354 -0.89 -4.79 33.07
CA MET A 354 0.40 -5.18 33.64
C MET A 354 1.11 -6.29 32.85
N PRO A 355 0.41 -7.38 32.49
CA PRO A 355 1.12 -8.38 31.68
C PRO A 355 1.54 -7.84 30.33
N TYR A 356 0.75 -6.93 29.79
CA TYR A 356 1.07 -6.25 28.54
C TYR A 356 2.39 -5.50 28.66
N GLY A 357 2.58 -4.80 29.78
CA GLY A 357 3.80 -4.07 30.03
C GLY A 357 5.00 -5.00 30.14
N GLN A 358 4.83 -6.08 30.91
CA GLN A 358 5.88 -7.06 31.08
C GLN A 358 6.24 -7.72 29.75
N ALA A 359 5.22 -8.03 28.95
CA ALA A 359 5.42 -8.67 27.66
C ALA A 359 6.20 -7.77 26.71
N MET A 360 5.85 -6.49 26.67
CA MET A 360 6.53 -5.52 25.82
C MET A 360 7.99 -5.35 26.25
N ALA A 361 8.20 -5.24 27.57
CA ALA A 361 9.53 -5.08 28.12
C ALA A 361 10.41 -6.29 27.80
N ILE A 362 9.83 -7.48 27.86
CA ILE A 362 10.54 -8.70 27.52
C ILE A 362 11.01 -8.66 26.07
N MET A 363 10.10 -8.36 25.16
CA MET A 363 10.43 -8.29 23.73
C MET A 363 11.51 -7.25 23.46
N ALA A 364 11.44 -6.13 24.15
CA ALA A 364 12.40 -5.05 23.97
C ALA A 364 13.80 -5.45 24.43
N LEU A 365 13.89 -6.00 25.64
CA LEU A 365 15.17 -6.35 26.22
C LEU A 365 15.82 -7.56 25.55
N VAL A 366 14.98 -8.49 25.08
CA VAL A 366 15.49 -9.65 24.34
C VAL A 366 16.16 -9.21 23.04
N GLU A 367 15.49 -8.32 22.31
CA GLU A 367 16.03 -7.80 21.06
C GLU A 367 17.27 -6.96 21.32
N PHE A 368 17.28 -6.25 22.45
CA PHE A 368 18.44 -5.47 22.83
C PHE A 368 19.62 -6.40 23.15
N ALA A 369 19.31 -7.55 23.72
CA ALA A 369 20.33 -8.54 24.07
C ALA A 369 20.97 -9.15 22.83
N ARG A 370 20.26 -9.09 21.70
CA ARG A 370 20.77 -9.59 20.44
C ARG A 370 22.01 -8.82 19.98
N ARG A 371 22.15 -7.58 20.43
CA ARG A 371 23.24 -6.71 20.02
C ARG A 371 24.56 -7.05 20.70
N PHE A 372 24.51 -7.89 21.73
CA PHE A 372 25.69 -8.17 22.54
C PHE A 372 26.44 -9.44 22.13
N ILE A 373 25.84 -10.23 21.25
CA ILE A 373 26.51 -11.46 20.80
C ILE A 373 27.38 -11.22 19.59
N GLY B 3 -27.13 4.14 -30.44
CA GLY B 3 -25.77 4.02 -30.93
C GLY B 3 -25.39 2.58 -31.21
N THR B 4 -24.84 2.33 -32.40
CA THR B 4 -24.43 1.00 -32.79
C THR B 4 -22.92 0.90 -32.95
N SER B 5 -22.45 -0.28 -33.33
CA SER B 5 -21.01 -0.53 -33.49
C SER B 5 -20.40 0.34 -34.59
N ALA B 6 -21.06 0.40 -35.73
CA ALA B 6 -20.58 1.16 -36.87
C ALA B 6 -20.41 2.63 -36.54
N GLU B 7 -21.35 3.17 -35.77
CA GLU B 7 -21.32 4.58 -35.38
C GLU B 7 -20.14 4.88 -34.48
N VAL B 8 -19.91 4.00 -33.50
CA VAL B 8 -18.83 4.17 -32.55
C VAL B 8 -17.47 4.19 -33.26
N HIS B 9 -17.27 3.26 -34.18
CA HIS B 9 -16.03 3.17 -34.94
C HIS B 9 -15.82 4.41 -35.81
N ALA B 10 -16.90 4.94 -36.35
CA ALA B 10 -16.84 6.13 -37.18
C ALA B 10 -16.37 7.33 -36.35
N LYS B 11 -16.85 7.39 -35.11
CA LYS B 11 -16.44 8.44 -34.18
C LYS B 11 -14.97 8.30 -33.81
N ILE B 12 -14.53 7.07 -33.64
CA ILE B 12 -13.12 6.78 -33.32
C ILE B 12 -12.20 7.29 -34.42
N LYS B 13 -12.54 6.96 -35.66
CA LYS B 13 -11.73 7.39 -36.80
C LYS B 13 -11.75 8.90 -36.98
N LEU B 14 -12.91 9.51 -36.74
CA LEU B 14 -13.04 10.97 -36.81
C LEU B 14 -12.11 11.63 -35.80
N LEU B 15 -12.06 11.08 -34.59
CA LEU B 15 -11.18 11.58 -33.55
C LEU B 15 -9.71 11.41 -33.91
N ILE B 16 -9.35 10.21 -34.36
CA ILE B 16 -7.97 9.89 -34.69
C ILE B 16 -7.45 10.77 -35.83
N ASN B 17 -8.23 10.87 -36.90
CA ASN B 17 -7.85 11.70 -38.04
C ASN B 17 -7.69 13.17 -37.66
N ALA B 18 -8.59 13.66 -36.82
CA ALA B 18 -8.53 15.05 -36.37
C ALA B 18 -7.34 15.30 -35.46
N MET B 19 -7.00 14.31 -34.65
CA MET B 19 -5.90 14.45 -33.68
C MET B 19 -4.54 14.44 -34.35
N VAL B 20 -4.37 13.58 -35.35
CA VAL B 20 -3.05 13.41 -35.98
C VAL B 20 -2.84 14.39 -37.13
N ASN B 21 -3.93 14.87 -37.74
CA ASN B 21 -3.84 15.88 -38.78
C ASN B 21 -4.09 17.26 -38.20
N ILE B 22 -3.59 17.48 -36.99
CA ILE B 22 -3.83 18.72 -36.27
C ILE B 22 -2.73 19.76 -36.54
N TRP B 44 0.19 17.92 -33.07
CA TRP B 44 0.52 16.51 -33.12
C TRP B 44 2.00 16.31 -33.44
N HIS B 45 2.61 17.30 -34.09
CA HIS B 45 4.02 17.20 -34.46
C HIS B 45 4.95 17.79 -33.41
N ASP B 46 4.61 17.57 -32.14
CA ASP B 46 5.49 17.89 -31.02
C ASP B 46 5.65 16.66 -30.15
N TRP B 47 6.17 16.85 -28.94
CA TRP B 47 6.40 15.74 -28.02
C TRP B 47 6.13 16.16 -26.58
N GLU B 48 4.91 15.90 -26.12
CA GLU B 48 4.49 16.20 -24.76
C GLU B 48 3.77 15.00 -24.16
N TRP B 49 3.20 15.17 -22.97
CA TRP B 49 2.53 14.05 -22.30
C TRP B 49 1.23 13.66 -23.01
N THR B 50 0.66 14.60 -23.76
CA THR B 50 -0.55 14.33 -24.53
C THR B 50 -0.30 13.34 -25.65
N HIS B 51 0.91 13.37 -26.20
CA HIS B 51 1.29 12.44 -27.26
C HIS B 51 1.39 11.03 -26.71
N GLY B 52 1.72 10.91 -25.43
CA GLY B 52 1.78 9.62 -24.76
C GLY B 52 0.45 8.91 -24.77
N ILE B 53 -0.59 9.61 -24.34
CA ILE B 53 -1.93 9.04 -24.31
C ILE B 53 -2.57 9.01 -25.69
N GLY B 54 -2.15 9.95 -26.55
CA GLY B 54 -2.65 10.02 -27.91
C GLY B 54 -2.22 8.80 -28.71
N LEU B 55 -0.93 8.47 -28.63
CA LEU B 55 -0.40 7.29 -29.30
C LEU B 55 -0.98 6.01 -28.72
N TYR B 56 -1.19 6.01 -27.40
CA TYR B 56 -1.68 4.83 -26.71
C TYR B 56 -3.11 4.50 -27.14
N GLY B 57 -3.93 5.54 -27.31
CA GLY B 57 -5.30 5.36 -27.76
C GLY B 57 -5.34 4.76 -29.16
N ILE B 58 -4.44 5.24 -30.02
CA ILE B 58 -4.34 4.73 -31.38
C ILE B 58 -3.87 3.27 -31.37
N TRP B 59 -2.91 2.98 -30.49
CA TRP B 59 -2.39 1.62 -30.34
C TRP B 59 -3.49 0.66 -29.89
N GLN B 60 -4.29 1.09 -28.92
CA GLN B 60 -5.37 0.26 -28.40
C GLN B 60 -6.41 -0.03 -29.48
N TYR B 61 -6.64 0.93 -30.37
CA TYR B 61 -7.56 0.72 -31.47
C TYR B 61 -6.96 -0.25 -32.48
N TYR B 62 -5.64 -0.25 -32.59
CA TYR B 62 -4.94 -1.15 -33.49
C TYR B 62 -5.00 -2.59 -32.99
N THR B 63 -4.95 -2.77 -31.68
CA THR B 63 -5.05 -4.10 -31.09
C THR B 63 -6.45 -4.67 -31.26
N LEU B 64 -7.42 -3.79 -31.50
CA LEU B 64 -8.81 -4.19 -31.67
C LEU B 64 -9.14 -4.55 -33.12
N THR B 65 -8.73 -3.69 -34.06
CA THR B 65 -9.16 -3.83 -35.44
C THR B 65 -8.04 -4.22 -36.40
N ASN B 66 -6.80 -4.16 -35.93
CA ASN B 66 -5.64 -4.59 -36.72
C ASN B 66 -5.50 -3.85 -38.05
N ASP B 67 -5.89 -2.58 -38.06
CA ASP B 67 -5.74 -1.76 -39.26
C ASP B 67 -4.31 -1.24 -39.35
N ALA B 68 -3.63 -1.58 -40.43
CA ALA B 68 -2.21 -1.24 -40.60
C ALA B 68 -1.97 0.26 -40.62
N ALA B 69 -2.97 1.02 -41.05
CA ALA B 69 -2.87 2.47 -41.14
C ALA B 69 -2.62 3.09 -39.78
N HIS B 70 -3.20 2.49 -38.74
CA HIS B 70 -3.06 3.01 -37.39
C HIS B 70 -1.69 2.70 -36.79
N LEU B 71 -1.17 1.50 -37.10
CA LEU B 71 0.18 1.15 -36.69
C LEU B 71 1.19 2.02 -37.42
N ASP B 72 0.90 2.33 -38.67
CA ASP B 72 1.76 3.18 -39.49
C ASP B 72 1.85 4.59 -38.92
N VAL B 73 0.74 5.10 -38.42
CA VAL B 73 0.69 6.42 -37.80
C VAL B 73 1.63 6.48 -36.60
N ILE B 74 1.58 5.43 -35.78
CA ILE B 74 2.42 5.33 -34.59
C ILE B 74 3.90 5.23 -34.95
N GLU B 75 4.21 4.31 -35.87
CA GLU B 75 5.59 4.10 -36.30
C GLU B 75 6.17 5.32 -36.98
N ALA B 76 5.34 6.05 -37.71
CA ALA B 76 5.78 7.26 -38.40
C ALA B 76 6.11 8.38 -37.42
N TRP B 77 5.33 8.45 -36.33
CA TRP B 77 5.55 9.46 -35.31
C TRP B 77 6.90 9.28 -34.65
N PHE B 78 7.19 8.05 -34.21
CA PHE B 78 8.46 7.74 -33.57
C PHE B 78 9.62 7.91 -34.53
N ARG B 79 9.44 7.45 -35.76
CA ARG B 79 10.48 7.55 -36.79
C ARG B 79 10.93 8.99 -37.00
N ASP B 80 9.98 9.91 -37.02
CA ASP B 80 10.27 11.32 -37.27
C ASP B 80 10.89 12.01 -36.04
N ARG B 81 10.38 11.70 -34.84
CA ARG B 81 10.92 12.29 -33.61
C ARG B 81 12.35 11.83 -33.33
N PHE B 82 12.57 10.53 -33.51
CA PHE B 82 13.89 9.95 -33.26
C PHE B 82 14.90 10.54 -34.22
N ALA B 83 14.45 10.82 -35.44
CA ALA B 83 15.28 11.45 -36.47
C ALA B 83 15.62 12.89 -36.11
N ALA B 84 14.77 13.52 -35.30
CA ALA B 84 14.99 14.90 -34.89
C ALA B 84 15.75 14.97 -33.56
N GLY B 85 16.38 13.86 -33.19
CA GLY B 85 17.21 13.83 -32.00
C GLY B 85 16.47 13.50 -30.71
N GLY B 86 15.18 13.19 -30.84
CA GLY B 86 14.37 12.88 -29.68
C GLY B 86 14.09 14.10 -28.82
N THR B 87 13.99 13.90 -27.51
CA THR B 87 13.76 14.99 -26.57
C THR B 87 14.49 14.78 -25.26
N THR B 88 14.42 15.80 -24.40
CA THR B 88 14.96 15.71 -23.05
C THR B 88 14.07 14.81 -22.19
N LYS B 89 14.66 14.19 -21.18
CA LYS B 89 13.94 13.22 -20.37
C LYS B 89 13.32 13.84 -19.12
N ASN B 90 12.01 13.63 -18.98
CA ASN B 90 11.29 13.98 -17.76
C ASN B 90 10.06 13.08 -17.61
N ILE B 91 9.25 13.33 -16.60
CA ILE B 91 8.09 12.49 -16.32
C ILE B 91 7.11 12.47 -17.49
N ASN B 92 6.97 13.61 -18.15
CA ASN B 92 6.00 13.75 -19.25
C ASN B 92 6.46 13.13 -20.56
N THR B 93 7.70 13.39 -20.96
CA THR B 93 8.23 12.89 -22.22
C THR B 93 8.37 11.36 -22.22
N MET B 94 8.36 10.79 -21.02
CA MET B 94 8.48 9.34 -20.85
C MET B 94 7.24 8.60 -21.34
N ALA B 95 6.11 9.31 -21.37
CA ALA B 95 4.81 8.72 -21.61
C ALA B 95 4.70 7.92 -22.93
N VAL B 96 5.34 8.41 -23.98
CA VAL B 96 5.21 7.78 -25.30
C VAL B 96 5.85 6.39 -25.36
N PHE B 97 6.69 6.07 -24.38
CA PHE B 97 7.45 4.83 -24.42
C PHE B 97 6.65 3.65 -23.85
N LEU B 98 5.45 3.93 -23.36
CA LEU B 98 4.51 2.86 -23.04
C LEU B 98 4.04 2.25 -24.35
N THR B 99 3.71 3.11 -25.31
CA THR B 99 3.29 2.67 -26.63
C THR B 99 4.42 2.00 -27.40
N LEU B 100 5.61 2.61 -27.34
CA LEU B 100 6.78 2.08 -28.03
C LEU B 100 7.10 0.67 -27.56
N ALA B 101 7.01 0.45 -26.25
CA ALA B 101 7.25 -0.86 -25.67
C ALA B 101 6.19 -1.85 -26.12
N CYS B 102 4.95 -1.38 -26.24
CA CYS B 102 3.86 -2.22 -26.72
C CYS B 102 4.05 -2.58 -28.19
N VAL B 103 4.48 -1.61 -28.99
CA VAL B 103 4.75 -1.85 -30.40
C VAL B 103 5.93 -2.81 -30.58
N TYR B 104 6.98 -2.60 -29.79
CA TYR B 104 8.16 -3.47 -29.85
C TYR B 104 7.80 -4.90 -29.50
N GLU B 105 6.89 -5.07 -28.54
CA GLU B 105 6.46 -6.40 -28.11
C GLU B 105 5.88 -7.19 -29.27
N ARG B 106 5.30 -6.49 -30.23
CA ARG B 106 4.66 -7.13 -31.38
C ARG B 106 5.57 -7.19 -32.60
N THR B 107 6.34 -6.14 -32.84
CA THR B 107 7.12 -6.03 -34.07
C THR B 107 8.59 -6.43 -33.90
N ARG B 108 9.07 -6.38 -32.66
CA ARG B 108 10.46 -6.70 -32.32
C ARG B 108 11.45 -5.83 -33.09
N ASN B 109 11.02 -4.64 -33.47
CA ASN B 109 11.86 -3.70 -34.22
C ASN B 109 13.09 -3.30 -33.41
N PRO B 110 14.28 -3.71 -33.87
CA PRO B 110 15.53 -3.48 -33.14
C PRO B 110 15.91 -2.01 -33.06
N ALA B 111 15.30 -1.17 -33.90
CA ALA B 111 15.57 0.26 -33.89
C ALA B 111 15.10 0.89 -32.58
N TYR B 112 14.11 0.27 -31.94
CA TYR B 112 13.54 0.79 -30.71
C TYR B 112 14.37 0.44 -29.48
N LEU B 113 15.21 -0.58 -29.61
CA LEU B 113 15.97 -1.09 -28.47
C LEU B 113 16.83 -0.05 -27.74
N PRO B 114 17.65 0.73 -28.48
CA PRO B 114 18.43 1.72 -27.73
C PRO B 114 17.57 2.78 -27.05
N TRP B 115 16.39 3.04 -27.61
CA TRP B 115 15.46 4.01 -27.04
C TRP B 115 14.79 3.45 -25.79
N LEU B 116 14.32 2.21 -25.88
CA LEU B 116 13.70 1.55 -24.74
C LEU B 116 14.69 1.42 -23.60
N ASP B 117 15.93 1.08 -23.93
CA ASP B 117 16.98 0.88 -22.93
C ASP B 117 17.35 2.19 -22.23
N ALA B 118 17.63 3.23 -23.02
CA ALA B 118 18.11 4.49 -22.47
C ALA B 118 17.09 5.17 -21.55
N TRP B 119 15.83 5.17 -21.95
CA TRP B 119 14.81 5.88 -21.20
C TRP B 119 14.35 5.11 -19.97
N ALA B 120 14.37 3.78 -20.04
CA ALA B 120 14.02 2.96 -18.89
C ALA B 120 15.13 3.01 -17.85
N GLU B 121 16.38 3.01 -18.32
CA GLU B 121 17.53 3.13 -17.43
C GLU B 121 17.51 4.47 -16.70
N TRP B 122 17.08 5.52 -17.40
CA TRP B 122 16.96 6.83 -16.81
C TRP B 122 15.87 6.84 -15.72
N ALA B 123 14.70 6.30 -16.06
CA ALA B 123 13.57 6.28 -15.15
C ALA B 123 13.88 5.45 -13.91
N TYR B 124 14.63 4.37 -14.11
CA TYR B 124 14.96 3.47 -13.01
C TYR B 124 16.11 4.00 -12.15
N HIS B 125 17.16 4.49 -12.80
CA HIS B 125 18.38 4.88 -12.10
C HIS B 125 18.50 6.38 -11.82
N ASP B 126 18.19 7.20 -12.82
CA ASP B 126 18.60 8.60 -12.80
C ASP B 126 17.51 9.59 -12.40
N LEU B 127 16.25 9.27 -12.71
CA LEU B 127 15.13 10.15 -12.37
C LEU B 127 15.11 10.45 -10.88
N ALA B 128 14.99 11.73 -10.54
CA ALA B 128 15.05 12.18 -9.16
C ALA B 128 14.05 11.45 -8.27
N ARG B 129 14.49 11.06 -7.09
CA ARG B 129 13.63 10.37 -6.14
C ARG B 129 13.32 11.26 -4.93
N THR B 130 12.06 11.27 -4.52
CA THR B 130 11.68 11.97 -3.30
C THR B 130 12.02 11.11 -2.09
N ARG B 131 11.62 11.56 -0.92
CA ARG B 131 11.70 10.74 0.28
C ARG B 131 10.86 9.49 0.06
N ARG B 132 11.20 8.41 0.77
CA ARG B 132 10.54 7.11 0.65
C ARG B 132 10.76 6.47 -0.72
N GLY B 133 11.63 7.06 -1.54
CA GLY B 133 11.98 6.51 -2.84
C GLY B 133 10.93 6.73 -3.91
N GLY B 134 10.04 7.69 -3.71
CA GLY B 134 9.02 7.99 -4.68
C GLY B 134 9.57 8.71 -5.89
N MET B 135 9.03 8.42 -7.08
CA MET B 135 9.46 9.10 -8.29
C MET B 135 9.00 10.56 -8.30
N GLN B 136 9.96 11.46 -8.19
CA GLN B 136 9.69 12.89 -8.18
C GLN B 136 9.11 13.33 -9.52
N HIS B 137 8.10 14.19 -9.49
CA HIS B 137 7.46 14.62 -10.72
C HIS B 137 8.24 15.73 -11.40
N VAL B 138 9.40 15.36 -11.94
CA VAL B 138 10.24 16.31 -12.66
C VAL B 138 9.66 16.63 -14.02
N THR B 139 9.51 17.92 -14.31
CA THR B 139 9.03 18.36 -15.62
C THR B 139 10.14 19.14 -16.32
N TYR B 140 9.86 19.62 -17.53
CA TYR B 140 10.85 20.37 -18.29
C TYR B 140 11.23 21.66 -17.57
N LEU B 141 10.22 22.42 -17.14
CA LEU B 141 10.45 23.70 -16.51
C LEU B 141 10.77 23.57 -15.02
N GLU B 142 10.11 22.64 -14.36
CA GLU B 142 10.19 22.57 -12.90
C GLU B 142 10.81 21.28 -12.36
N GLU B 143 11.69 21.45 -11.38
CA GLU B 143 12.32 20.33 -10.69
C GLU B 143 11.31 19.66 -9.76
N ASN B 144 10.45 20.47 -9.14
CA ASN B 144 9.40 19.99 -8.25
C ASN B 144 9.94 19.11 -7.14
N ALA B 145 10.91 19.63 -6.39
CA ALA B 145 11.59 18.86 -5.35
C ALA B 145 10.62 18.33 -4.28
N GLY B 146 10.66 17.03 -4.07
CA GLY B 146 9.86 16.39 -3.04
C GLY B 146 8.39 16.24 -3.39
N GLN B 147 8.07 16.35 -4.67
CA GLN B 147 6.67 16.30 -5.10
C GLN B 147 6.28 15.00 -5.81
N LEU B 148 5.15 14.44 -5.40
CA LEU B 148 4.55 13.30 -6.09
C LEU B 148 3.21 13.73 -6.70
N TRP B 149 3.01 13.43 -7.98
CA TRP B 149 1.75 13.74 -8.63
C TRP B 149 0.99 12.48 -9.01
N ASP B 150 -0.27 12.65 -9.41
CA ASP B 150 -1.12 11.52 -9.77
C ASP B 150 -0.75 10.94 -11.13
N ASP B 151 -0.45 11.81 -12.10
CA ASP B 151 -0.24 11.38 -13.48
C ASP B 151 1.05 10.56 -13.66
N THR B 152 1.93 10.59 -12.66
CA THR B 152 3.19 9.85 -12.72
C THR B 152 2.97 8.37 -13.02
N LEU B 153 1.92 7.80 -12.43
CA LEU B 153 1.57 6.40 -12.64
C LEU B 153 1.37 6.09 -14.13
N MET B 154 0.75 7.02 -14.84
CA MET B 154 0.48 6.85 -16.26
C MET B 154 1.67 7.29 -17.12
N MET B 155 2.33 8.36 -16.71
CA MET B 155 3.35 9.01 -17.54
C MET B 155 4.70 8.30 -17.53
N THR B 156 5.06 7.69 -16.40
CA THR B 156 6.40 7.12 -16.28
C THR B 156 6.38 5.68 -15.77
N VAL B 157 5.57 5.42 -14.76
CA VAL B 157 5.56 4.13 -14.08
C VAL B 157 5.13 2.99 -15.01
N LEU B 158 4.04 3.17 -15.75
CA LEU B 158 3.57 2.17 -16.68
C LEU B 158 4.49 2.00 -17.90
N PRO B 159 5.03 3.11 -18.45
CA PRO B 159 6.08 2.92 -19.44
C PRO B 159 7.26 2.10 -18.91
N LEU B 160 7.71 2.38 -17.70
CA LEU B 160 8.83 1.65 -17.10
C LEU B 160 8.50 0.18 -16.94
N ALA B 161 7.28 -0.10 -16.47
CA ALA B 161 6.84 -1.48 -16.23
C ALA B 161 6.81 -2.28 -17.53
N LYS B 162 6.26 -1.68 -18.58
CA LYS B 162 6.10 -2.37 -19.86
C LYS B 162 7.45 -2.66 -20.52
N ILE B 163 8.39 -1.72 -20.37
CA ILE B 163 9.73 -1.93 -20.91
C ILE B 163 10.42 -3.06 -20.16
N GLY B 164 10.17 -3.13 -18.85
CA GLY B 164 10.71 -4.20 -18.03
C GLY B 164 10.24 -5.56 -18.51
N VAL B 165 9.01 -5.61 -19.00
CA VAL B 165 8.43 -6.83 -19.53
C VAL B 165 9.09 -7.23 -20.85
N VAL B 166 9.17 -6.27 -21.78
CA VAL B 166 9.63 -6.57 -23.13
C VAL B 166 11.14 -6.76 -23.23
N LEU B 167 11.88 -6.20 -22.29
CA LEU B 167 13.34 -6.34 -22.31
C LEU B 167 13.81 -7.43 -21.35
N GLY B 168 12.87 -8.03 -20.63
CA GLY B 168 13.21 -9.07 -19.67
C GLY B 168 14.02 -8.52 -18.51
N ARG B 169 13.58 -7.39 -17.98
CA ARG B 169 14.24 -6.77 -16.83
C ARG B 169 13.23 -6.60 -15.70
N PRO B 170 13.04 -7.66 -14.90
CA PRO B 170 12.01 -7.74 -13.86
C PRO B 170 12.16 -6.69 -12.75
N HIS B 171 13.37 -6.16 -12.57
CA HIS B 171 13.57 -5.16 -11.52
C HIS B 171 12.86 -3.85 -11.87
N TYR B 172 12.70 -3.59 -13.16
CA TYR B 172 11.87 -2.46 -13.61
C TYR B 172 10.46 -2.63 -13.10
N VAL B 173 9.94 -3.85 -13.22
CA VAL B 173 8.57 -4.17 -12.85
C VAL B 173 8.37 -4.09 -11.34
N ALA B 174 9.35 -4.57 -10.59
CA ALA B 174 9.30 -4.51 -9.13
C ALA B 174 9.26 -3.05 -8.67
N GLU B 175 10.05 -2.21 -9.33
CA GLU B 175 10.08 -0.78 -9.02
C GLU B 175 8.75 -0.11 -9.32
N ALA B 176 8.10 -0.55 -10.39
CA ALA B 176 6.81 -0.01 -10.79
C ALA B 176 5.72 -0.37 -9.77
N LYS B 177 5.79 -1.60 -9.26
CA LYS B 177 4.87 -2.05 -8.22
C LYS B 177 5.02 -1.18 -6.98
N ARG B 178 6.28 -0.89 -6.64
CA ARG B 178 6.62 -0.04 -5.50
C ARG B 178 6.03 1.36 -5.67
N GLN B 179 6.17 1.92 -6.87
CA GLN B 179 5.68 3.27 -7.15
C GLN B 179 4.15 3.34 -7.09
N PHE B 180 3.49 2.25 -7.45
CA PHE B 180 2.04 2.19 -7.36
C PHE B 180 1.59 2.21 -5.91
N LEU B 181 2.31 1.48 -5.06
CA LEU B 181 2.01 1.45 -3.63
C LEU B 181 2.28 2.82 -2.99
N LEU B 182 3.37 3.46 -3.41
CA LEU B 182 3.75 4.76 -2.87
C LEU B 182 2.75 5.86 -3.22
N HIS B 183 2.30 5.86 -4.48
CA HIS B 183 1.39 6.90 -4.94
C HIS B 183 -0.02 6.72 -4.40
N VAL B 184 -0.42 5.47 -4.17
CA VAL B 184 -1.70 5.21 -3.52
C VAL B 184 -1.64 5.67 -2.07
N GLN B 185 -0.48 5.46 -1.45
CA GLN B 185 -0.27 5.84 -0.05
C GLN B 185 -0.28 7.35 0.16
N TYR B 186 0.40 8.08 -0.71
CA TYR B 186 0.62 9.51 -0.51
C TYR B 186 -0.33 10.41 -1.28
N LEU B 187 -1.27 9.82 -2.02
CA LEU B 187 -2.26 10.60 -2.75
C LEU B 187 -3.68 10.13 -2.45
N GLY B 188 -3.79 8.91 -1.94
CA GLY B 188 -5.09 8.33 -1.63
C GLY B 188 -5.79 9.05 -0.49
N ASP B 189 -7.11 9.18 -0.63
CA ASP B 189 -7.93 9.78 0.42
C ASP B 189 -9.04 8.82 0.82
N VAL B 190 -8.77 7.99 1.82
CA VAL B 190 -9.68 6.93 2.23
C VAL B 190 -11.03 7.48 2.75
N LYS B 191 -11.02 8.73 3.19
CA LYS B 191 -12.24 9.35 3.69
C LYS B 191 -13.27 9.54 2.58
N THR B 192 -12.79 9.78 1.37
CA THR B 192 -13.69 9.97 0.23
C THR B 192 -13.59 8.82 -0.77
N GLY B 193 -12.43 8.17 -0.80
CA GLY B 193 -12.19 7.10 -1.75
C GLY B 193 -11.58 7.64 -3.03
N LEU B 194 -11.38 8.95 -3.06
CA LEU B 194 -10.77 9.61 -4.22
C LEU B 194 -9.30 9.86 -3.96
N PHE B 195 -8.66 10.59 -4.88
CA PHE B 195 -7.23 10.88 -4.75
C PHE B 195 -6.94 12.37 -4.77
N PHE B 196 -5.97 12.78 -3.96
CA PHE B 196 -5.45 14.14 -4.02
C PHE B 196 -4.60 14.27 -5.27
N HIS B 197 -4.37 15.50 -5.72
CA HIS B 197 -3.61 15.72 -6.95
C HIS B 197 -2.12 15.54 -6.73
N GLY B 198 -1.59 16.18 -5.70
CA GLY B 198 -0.16 16.13 -5.45
C GLY B 198 0.21 16.10 -3.98
N TRP B 199 1.36 15.52 -3.68
CA TRP B 199 1.87 15.46 -2.32
C TRP B 199 3.24 16.13 -2.23
N GLN B 200 3.43 16.95 -1.21
CA GLN B 200 4.69 17.63 -0.98
C GLN B 200 5.36 17.13 0.30
N PHE B 201 6.48 16.46 0.16
CA PHE B 201 7.26 16.03 1.31
C PHE B 201 7.83 17.24 2.04
N ALA B 202 7.82 17.20 3.36
CA ALA B 202 8.38 18.27 4.16
C ALA B 202 9.86 18.42 3.86
N GLU B 203 10.31 19.67 3.75
CA GLU B 203 11.71 19.98 3.49
C GLU B 203 12.60 19.37 4.55
N GLU B 204 12.18 19.51 5.80
CA GLU B 204 12.90 18.94 6.93
C GLU B 204 11.92 18.36 7.94
N GLY B 205 12.26 17.19 8.48
CA GLY B 205 11.39 16.52 9.43
C GLY B 205 10.44 15.55 8.77
N PRO B 206 9.53 14.97 9.56
CA PRO B 206 8.57 13.97 9.06
C PRO B 206 7.34 14.59 8.40
N GLY B 207 6.61 13.78 7.65
CA GLY B 207 5.34 14.19 7.08
C GLY B 207 5.43 15.13 5.91
N GLY B 208 4.40 15.98 5.76
CA GLY B 208 4.29 16.89 4.65
C GLY B 208 2.84 17.25 4.44
N HIS B 209 2.49 17.67 3.22
CA HIS B 209 1.12 18.06 2.93
C HIS B 209 0.76 17.86 1.47
N HIS B 210 -0.53 17.65 1.21
CA HIS B 210 -1.03 17.63 -0.16
C HIS B 210 -1.14 19.06 -0.66
N PHE B 211 -1.11 19.23 -1.97
CA PHE B 211 -1.03 20.57 -2.58
C PHE B 211 -2.16 21.50 -2.13
N ALA B 212 -3.40 21.08 -2.37
CA ALA B 212 -4.55 21.89 -1.98
C ALA B 212 -5.69 21.01 -1.51
N THR B 213 -5.37 19.75 -1.24
CA THR B 213 -6.36 18.72 -0.88
C THR B 213 -7.52 18.73 -1.85
N ALA B 214 -7.20 18.85 -3.14
CA ALA B 214 -8.22 18.94 -4.18
C ALA B 214 -8.34 17.62 -4.95
N ARG B 215 -9.57 17.26 -5.28
CA ARG B 215 -9.85 16.01 -5.98
C ARG B 215 -10.26 16.29 -7.42
N TRP B 216 -9.27 16.49 -8.27
CA TRP B 216 -9.49 16.84 -9.67
C TRP B 216 -9.99 15.67 -10.49
N ALA B 217 -10.83 15.95 -11.48
CA ALA B 217 -11.37 14.92 -12.36
C ALA B 217 -10.27 14.31 -13.22
N ARG B 218 -9.46 15.17 -13.83
CA ARG B 218 -8.37 14.72 -14.68
C ARG B 218 -7.34 13.90 -13.89
N GLY B 219 -6.91 14.45 -12.75
CA GLY B 219 -5.91 13.80 -11.92
C GLY B 219 -6.35 12.44 -11.41
N ASN B 220 -7.60 12.35 -10.97
CA ASN B 220 -8.15 11.09 -10.48
C ASN B 220 -8.32 10.06 -11.60
N SER B 221 -8.59 10.55 -12.80
CA SER B 221 -8.80 9.68 -13.96
C SER B 221 -7.55 8.90 -14.32
N TRP B 222 -6.38 9.47 -14.00
CA TRP B 222 -5.12 8.79 -14.27
C TRP B 222 -5.00 7.51 -13.46
N VAL B 223 -5.53 7.53 -12.24
CA VAL B 223 -5.53 6.35 -11.39
C VAL B 223 -6.52 5.32 -11.94
N THR B 224 -7.68 5.81 -12.38
CA THR B 224 -8.72 4.95 -12.92
C THR B 224 -8.27 4.26 -14.20
N ILE B 225 -7.33 4.88 -14.91
CA ILE B 225 -6.78 4.30 -16.13
C ILE B 225 -5.59 3.40 -15.83
N ALA B 226 -4.67 3.89 -15.01
CA ALA B 226 -3.40 3.21 -14.76
C ALA B 226 -3.55 1.88 -14.05
N VAL B 227 -4.48 1.80 -13.09
CA VAL B 227 -4.64 0.58 -12.30
C VAL B 227 -5.07 -0.63 -13.15
N PRO B 228 -6.13 -0.49 -13.97
CA PRO B 228 -6.48 -1.64 -14.81
C PRO B 228 -5.40 -1.98 -15.84
N GLU B 229 -4.75 -0.96 -16.39
CA GLU B 229 -3.67 -1.17 -17.34
C GLU B 229 -2.51 -1.90 -16.69
N PHE B 230 -2.21 -1.54 -15.44
CA PHE B 230 -1.09 -2.14 -14.71
C PHE B 230 -1.40 -3.58 -14.33
N LEU B 231 -2.63 -3.82 -13.88
CA LEU B 231 -3.04 -5.16 -13.48
C LEU B 231 -3.04 -6.12 -14.66
N GLU B 232 -3.44 -5.63 -15.84
CA GLU B 232 -3.43 -6.44 -17.05
C GLU B 232 -2.01 -6.72 -17.50
N LEU B 233 -1.17 -5.69 -17.45
CA LEU B 233 0.23 -5.79 -17.83
C LEU B 233 0.93 -6.89 -17.04
N LEU B 234 0.71 -6.90 -15.73
CA LEU B 234 1.34 -7.87 -14.85
C LEU B 234 0.87 -9.29 -15.14
N ARG B 235 -0.44 -9.46 -15.28
CA ARG B 235 -1.03 -10.77 -15.54
C ARG B 235 -0.55 -11.36 -16.86
N GLU B 236 -0.51 -10.53 -17.89
CA GLU B 236 -0.10 -10.96 -19.22
C GLU B 236 1.39 -11.28 -19.27
N ALA B 237 2.17 -10.65 -18.38
CA ALA B 237 3.61 -10.86 -18.35
C ALA B 237 3.98 -12.02 -17.43
N GLY B 238 2.97 -12.57 -16.75
CA GLY B 238 3.21 -13.64 -15.79
C GLY B 238 3.91 -13.12 -14.56
N MET B 239 3.68 -11.86 -14.24
CA MET B 239 4.33 -11.21 -13.11
C MET B 239 3.32 -10.67 -12.09
N ALA B 240 2.12 -11.24 -12.11
CA ALA B 240 1.06 -10.78 -11.21
C ALA B 240 1.30 -11.23 -9.78
N ASP B 241 0.93 -10.39 -8.83
CA ASP B 241 0.94 -10.75 -7.41
C ASP B 241 -0.49 -10.63 -6.88
N GLU B 242 -0.97 -11.69 -6.23
CA GLU B 242 -2.36 -11.75 -5.81
C GLU B 242 -2.71 -10.69 -4.77
N ALA B 243 -1.83 -10.50 -3.80
CA ALA B 243 -2.05 -9.49 -2.77
C ALA B 243 -2.13 -8.10 -3.37
N LEU B 244 -1.21 -7.79 -4.28
CA LEU B 244 -1.18 -6.50 -4.94
C LEU B 244 -2.42 -6.28 -5.80
N GLU B 245 -2.82 -7.32 -6.52
CA GLU B 245 -4.00 -7.21 -7.38
C GLU B 245 -5.26 -6.98 -6.54
N GLU B 246 -5.41 -7.73 -5.46
CA GLU B 246 -6.55 -7.59 -4.57
C GLU B 246 -6.58 -6.19 -3.94
N PHE B 247 -5.41 -5.69 -3.58
CA PHE B 247 -5.29 -4.37 -2.98
C PHE B 247 -5.68 -3.26 -3.95
N LEU B 248 -5.10 -3.31 -5.15
CA LEU B 248 -5.38 -2.30 -6.17
C LEU B 248 -6.80 -2.42 -6.71
N LYS B 249 -7.36 -3.63 -6.67
CA LYS B 249 -8.74 -3.84 -7.07
C LYS B 249 -9.70 -3.14 -6.12
N SER B 250 -9.45 -3.32 -4.82
CA SER B 250 -10.29 -2.70 -3.80
C SER B 250 -10.14 -1.19 -3.83
N THR B 251 -8.94 -0.72 -4.16
CA THR B 251 -8.67 0.70 -4.28
C THR B 251 -9.44 1.31 -5.45
N LEU B 252 -9.42 0.61 -6.58
CA LEU B 252 -10.17 1.03 -7.76
C LEU B 252 -11.67 0.97 -7.50
N GLN B 253 -12.10 -0.08 -6.81
CA GLN B 253 -13.50 -0.25 -6.44
C GLN B 253 -13.97 0.91 -5.58
N ALA B 254 -13.12 1.32 -4.64
CA ALA B 254 -13.44 2.43 -3.73
C ALA B 254 -13.63 3.73 -4.48
N GLN B 255 -12.79 3.97 -5.49
CA GLN B 255 -12.87 5.19 -6.28
C GLN B 255 -14.14 5.23 -7.11
N CYS B 256 -14.49 4.10 -7.72
CA CYS B 256 -15.68 4.00 -8.55
C CYS B 256 -16.95 4.20 -7.74
N GLU B 257 -16.94 3.69 -6.50
CA GLU B 257 -18.07 3.87 -5.60
C GLU B 257 -18.24 5.34 -5.25
N ALA B 258 -17.12 6.05 -5.16
CA ALA B 258 -17.14 7.48 -4.87
C ALA B 258 -17.59 8.27 -6.08
N LEU B 259 -17.22 7.80 -7.27
CA LEU B 259 -17.57 8.47 -8.52
C LEU B 259 -19.07 8.39 -8.82
N ARG B 260 -19.71 7.31 -8.36
CA ARG B 260 -21.09 7.02 -8.71
C ARG B 260 -22.08 8.14 -8.34
N PRO B 261 -22.07 8.62 -7.09
CA PRO B 261 -23.05 9.69 -6.83
C PRO B 261 -22.59 11.05 -7.32
N LEU B 262 -21.31 11.18 -7.65
CA LEU B 262 -20.76 12.47 -8.07
C LEU B 262 -21.00 12.75 -9.55
N GLN B 263 -21.35 11.71 -10.29
CA GLN B 263 -21.65 11.87 -11.72
C GLN B 263 -22.92 12.69 -11.91
N VAL B 264 -22.91 13.57 -12.90
CA VAL B 264 -24.09 14.34 -13.25
C VAL B 264 -25.07 13.44 -14.00
N ALA B 265 -26.19 13.13 -13.36
CA ALA B 265 -27.14 12.14 -13.86
C ALA B 265 -27.73 12.50 -15.23
N SER B 266 -27.88 13.79 -15.50
CA SER B 266 -28.53 14.23 -16.72
C SER B 266 -27.61 14.21 -17.94
N THR B 267 -26.29 14.20 -17.70
CA THR B 267 -25.32 14.26 -18.78
C THR B 267 -24.33 13.10 -18.76
N GLY B 268 -24.10 12.54 -17.58
CA GLY B 268 -23.16 11.44 -17.42
C GLY B 268 -21.74 11.92 -17.23
N LEU B 269 -21.55 13.25 -17.21
CA LEU B 269 -20.23 13.83 -17.03
C LEU B 269 -19.91 14.05 -15.56
N TRP B 270 -18.61 14.12 -15.26
CA TRP B 270 -18.17 14.50 -13.92
C TRP B 270 -17.66 15.94 -13.94
N ARG B 271 -17.61 16.57 -12.78
CA ARG B 271 -17.14 17.94 -12.66
C ARG B 271 -15.63 17.97 -12.47
N THR B 272 -14.98 19.04 -12.94
CA THR B 272 -13.52 19.15 -12.89
C THR B 272 -12.99 19.01 -11.47
N LEU B 273 -13.69 19.58 -10.50
CA LEU B 273 -13.46 19.26 -9.10
C LEU B 273 -14.57 18.31 -8.68
N LEU B 274 -14.21 17.03 -8.53
CA LEU B 274 -15.17 15.95 -8.38
C LEU B 274 -16.22 16.17 -7.27
N ASP B 275 -15.76 16.52 -6.08
CA ASP B 275 -16.65 16.65 -4.93
C ASP B 275 -17.07 18.09 -4.65
N VAL B 276 -16.81 18.97 -5.61
CA VAL B 276 -17.23 20.37 -5.48
C VAL B 276 -18.45 20.63 -6.37
N PRO B 277 -19.51 21.20 -5.78
CA PRO B 277 -20.75 21.47 -6.52
C PRO B 277 -20.60 22.58 -7.55
N GLU B 278 -21.52 22.64 -8.50
CA GLU B 278 -21.42 23.59 -9.60
C GLU B 278 -21.65 25.04 -9.18
N GLU B 279 -22.23 25.24 -7.99
CA GLU B 279 -22.47 26.59 -7.49
C GLU B 279 -21.17 27.23 -7.02
N GLU B 280 -20.11 26.44 -6.91
CA GLU B 280 -18.81 26.96 -6.52
C GLU B 280 -17.85 26.99 -7.70
N GLY B 281 -18.38 26.74 -8.90
CA GLY B 281 -17.61 26.91 -10.13
C GLY B 281 -17.04 25.64 -10.74
N SER B 282 -17.38 24.49 -10.17
CA SER B 282 -16.87 23.23 -10.68
C SER B 282 -17.68 22.75 -11.88
N TYR B 283 -17.21 23.09 -13.07
CA TYR B 283 -17.92 22.78 -14.31
C TYR B 283 -17.73 21.34 -14.76
N GLN B 284 -18.68 20.86 -15.55
CA GLN B 284 -18.61 19.50 -16.09
C GLN B 284 -17.45 19.39 -17.09
N GLU B 285 -16.80 18.22 -17.09
CA GLU B 285 -15.59 18.05 -17.87
C GLU B 285 -15.63 16.76 -18.69
N ALA B 286 -15.86 16.89 -19.99
CA ALA B 286 -16.06 15.75 -20.86
C ALA B 286 -14.78 14.94 -21.08
N SER B 287 -13.64 15.62 -21.13
CA SER B 287 -12.35 14.97 -21.37
CA SER B 287 -12.36 14.98 -21.38
C SER B 287 -12.00 13.99 -20.26
N ALA B 288 -12.06 14.46 -19.02
CA ALA B 288 -11.75 13.62 -17.88
C ALA B 288 -12.80 12.52 -17.71
N THR B 289 -14.02 12.82 -18.13
CA THR B 289 -15.12 11.86 -18.10
C THR B 289 -14.79 10.66 -18.99
N ALA B 290 -14.21 10.95 -20.15
CA ALA B 290 -13.79 9.90 -21.07
C ALA B 290 -12.74 9.00 -20.44
N GLY B 291 -11.84 9.60 -19.67
CA GLY B 291 -10.82 8.86 -18.97
C GLY B 291 -11.42 7.90 -17.96
N PHE B 292 -12.37 8.39 -17.18
CA PHE B 292 -13.11 7.56 -16.25
C PHE B 292 -13.84 6.44 -16.98
N ALA B 293 -14.43 6.80 -18.12
CA ALA B 293 -15.20 5.84 -18.93
C ALA B 293 -14.33 4.65 -19.34
N PHE B 294 -13.12 4.93 -19.79
CA PHE B 294 -12.21 3.86 -20.19
C PHE B 294 -11.89 2.92 -19.03
N GLY B 295 -11.45 3.49 -17.92
CA GLY B 295 -11.01 2.72 -16.77
C GLY B 295 -12.11 1.85 -16.18
N VAL B 296 -13.31 2.40 -16.10
CA VAL B 296 -14.45 1.68 -15.53
C VAL B 296 -14.91 0.56 -16.46
N LEU B 297 -14.93 0.85 -17.77
CA LEU B 297 -15.30 -0.16 -18.76
C LEU B 297 -14.26 -1.29 -18.80
N LYS B 298 -12.99 -0.91 -18.83
CA LYS B 298 -11.91 -1.89 -18.86
C LYS B 298 -11.86 -2.70 -17.57
N GLY B 299 -12.04 -2.02 -16.45
CA GLY B 299 -12.05 -2.66 -15.14
C GLY B 299 -13.11 -3.75 -15.07
N GLN B 300 -14.27 -3.48 -15.64
CA GLN B 300 -15.35 -4.46 -15.68
C GLN B 300 -15.02 -5.61 -16.61
N ARG B 301 -14.54 -5.29 -17.80
CA ARG B 301 -14.22 -6.30 -18.81
C ARG B 301 -13.15 -7.26 -18.32
N LYS B 302 -12.12 -6.73 -17.66
CA LYS B 302 -11.04 -7.54 -17.12
C LYS B 302 -11.41 -8.13 -15.77
N ARG B 303 -12.64 -7.86 -15.33
CA ARG B 303 -13.20 -8.39 -14.10
C ARG B 303 -12.46 -7.94 -12.85
N TYR B 304 -11.86 -6.76 -12.90
CA TYR B 304 -11.32 -6.13 -11.71
C TYR B 304 -12.48 -5.50 -10.94
N LEU B 305 -13.55 -5.21 -11.67
CA LEU B 305 -14.77 -4.67 -11.10
C LEU B 305 -15.95 -5.56 -11.46
N GLY B 306 -17.05 -5.40 -10.72
CA GLY B 306 -18.29 -6.08 -11.05
C GLY B 306 -19.04 -5.30 -12.12
N PRO B 307 -20.27 -5.73 -12.43
CA PRO B 307 -21.08 -5.04 -13.44
C PRO B 307 -21.89 -3.87 -12.87
N GLU B 308 -21.67 -3.54 -11.61
CA GLU B 308 -22.49 -2.55 -10.92
C GLU B 308 -22.23 -1.11 -11.38
N PHE B 309 -21.15 -0.90 -12.12
CA PHE B 309 -20.81 0.44 -12.59
C PHE B 309 -21.06 0.59 -14.08
N GLU B 310 -21.71 -0.40 -14.67
CA GLU B 310 -21.93 -0.43 -16.12
C GLU B 310 -22.82 0.71 -16.60
N ASP B 311 -23.90 0.97 -15.88
CA ASP B 311 -24.80 2.07 -16.22
C ASP B 311 -24.10 3.41 -16.11
N MET B 312 -23.26 3.54 -15.09
CA MET B 312 -22.47 4.74 -14.89
C MET B 312 -21.51 4.98 -16.04
N ALA B 313 -20.86 3.91 -16.48
CA ALA B 313 -19.88 3.99 -17.56
C ALA B 313 -20.53 4.26 -18.91
N VAL B 314 -21.67 3.64 -19.15
CA VAL B 314 -22.41 3.82 -20.41
C VAL B 314 -22.93 5.25 -20.50
N LYS B 315 -23.43 5.79 -19.39
CA LYS B 315 -23.86 7.18 -19.32
C LYS B 315 -22.71 8.12 -19.64
N ALA B 316 -21.53 7.79 -19.13
CA ALA B 316 -20.33 8.59 -19.38
C ALA B 316 -19.97 8.57 -20.87
N VAL B 317 -20.05 7.40 -21.48
CA VAL B 317 -19.77 7.24 -22.91
C VAL B 317 -20.73 8.07 -23.75
N LYS B 318 -22.01 8.02 -23.40
CA LYS B 318 -23.04 8.80 -24.09
C LYS B 318 -22.76 10.30 -23.95
N GLY B 319 -22.31 10.71 -22.77
CA GLY B 319 -21.97 12.10 -22.51
C GLY B 319 -20.79 12.56 -23.35
N VAL B 320 -19.82 11.68 -23.53
CA VAL B 320 -18.66 11.97 -24.36
C VAL B 320 -19.05 12.11 -25.81
N LEU B 321 -19.87 11.16 -26.29
CA LEU B 321 -20.37 11.18 -27.67
C LEU B 321 -21.13 12.47 -27.97
N ALA B 322 -21.86 12.95 -26.98
CA ALA B 322 -22.68 14.15 -27.14
C ALA B 322 -21.84 15.43 -27.15
N ASN B 323 -20.62 15.32 -26.67
CA ASN B 323 -19.74 16.48 -26.59
C ASN B 323 -18.65 16.46 -27.65
N ILE B 324 -18.65 15.44 -28.50
CA ILE B 324 -17.75 15.41 -29.63
C ILE B 324 -18.37 16.16 -30.81
N SER B 325 -17.66 17.18 -31.26
CA SER B 325 -18.08 18.01 -32.39
C SER B 325 -17.91 17.30 -33.73
N GLU B 326 -18.42 17.92 -34.79
CA GLU B 326 -18.32 17.36 -36.13
C GLU B 326 -16.88 17.47 -36.65
N GLU B 327 -16.11 18.37 -36.05
CA GLU B 327 -14.70 18.51 -36.39
C GLU B 327 -13.87 17.45 -35.67
N GLY B 328 -14.52 16.69 -34.79
CA GLY B 328 -13.85 15.63 -34.06
C GLY B 328 -13.12 16.15 -32.83
N GLU B 329 -13.63 17.25 -32.27
CA GLU B 329 -13.00 17.87 -31.11
C GLU B 329 -13.93 17.85 -29.90
N LEU B 330 -13.34 17.84 -28.70
CA LEU B 330 -14.11 18.00 -27.48
C LEU B 330 -13.96 19.43 -26.97
N LEU B 331 -14.19 19.60 -25.65
CA LEU B 331 -14.26 20.88 -24.93
C LEU B 331 -15.71 21.40 -24.94
N THR B 352 -7.10 23.28 -19.96
CA THR B 352 -7.67 23.00 -21.28
C THR B 352 -6.62 22.45 -22.26
N SER B 353 -6.90 21.26 -22.78
CA SER B 353 -6.06 20.66 -23.82
C SER B 353 -6.92 19.87 -24.80
N MET B 354 -6.84 20.26 -26.07
CA MET B 354 -7.62 19.60 -27.12
C MET B 354 -7.09 18.19 -27.47
N PRO B 355 -5.77 18.01 -27.65
CA PRO B 355 -5.32 16.65 -27.93
C PRO B 355 -5.55 15.70 -26.77
N TYR B 356 -5.56 16.24 -25.55
CA TYR B 356 -5.86 15.45 -24.37
C TYR B 356 -7.29 14.92 -24.40
N GLY B 357 -8.22 15.80 -24.77
CA GLY B 357 -9.62 15.42 -24.87
C GLY B 357 -9.86 14.38 -25.96
N GLN B 358 -9.21 14.59 -27.11
CA GLN B 358 -9.33 13.67 -28.23
C GLN B 358 -8.73 12.31 -27.87
N ALA B 359 -7.60 12.34 -27.16
CA ALA B 359 -6.93 11.10 -26.75
C ALA B 359 -7.80 10.29 -25.79
N MET B 360 -8.35 10.95 -24.78
CA MET B 360 -9.19 10.29 -23.79
C MET B 360 -10.47 9.74 -24.43
N ALA B 361 -11.05 10.50 -25.34
CA ALA B 361 -12.26 10.08 -26.03
C ALA B 361 -12.00 8.84 -26.88
N ILE B 362 -10.83 8.82 -27.52
CA ILE B 362 -10.42 7.66 -28.32
C ILE B 362 -10.30 6.42 -27.44
N MET B 363 -9.58 6.54 -26.33
CA MET B 363 -9.41 5.43 -25.40
C MET B 363 -10.74 4.90 -24.89
N ALA B 364 -11.65 5.82 -24.57
CA ALA B 364 -12.96 5.45 -24.04
C ALA B 364 -13.80 4.69 -25.06
N LEU B 365 -13.86 5.21 -26.28
CA LEU B 365 -14.69 4.63 -27.32
C LEU B 365 -14.12 3.32 -27.86
N VAL B 366 -12.80 3.21 -27.89
CA VAL B 366 -12.16 1.96 -28.31
C VAL B 366 -12.49 0.85 -27.32
N GLU B 367 -12.40 1.16 -26.04
CA GLU B 367 -12.72 0.20 -24.99
C GLU B 367 -14.21 -0.12 -24.99
N PHE B 368 -15.02 0.87 -25.33
CA PHE B 368 -16.46 0.67 -25.45
C PHE B 368 -16.77 -0.25 -26.63
N ALA B 369 -15.97 -0.13 -27.68
CA ALA B 369 -16.14 -0.94 -28.88
C ALA B 369 -15.78 -2.39 -28.61
N ARG B 370 -14.96 -2.62 -27.58
CA ARG B 370 -14.57 -3.98 -27.19
C ARG B 370 -15.78 -4.81 -26.74
N ARG B 371 -16.83 -4.12 -26.32
CA ARG B 371 -18.04 -4.77 -25.81
C ARG B 371 -18.89 -5.38 -26.93
N PHE B 372 -18.55 -5.03 -28.17
CA PHE B 372 -19.35 -5.47 -29.31
C PHE B 372 -18.74 -6.68 -30.03
N ILE B 373 -17.60 -7.14 -29.53
CA ILE B 373 -16.96 -8.33 -30.09
C ILE B 373 -17.68 -9.60 -29.63
C1 GOL C . -7.46 -5.26 21.37
O1 GOL C . -6.48 -6.17 20.91
C2 GOL C . -7.71 -5.48 22.85
O2 GOL C . -7.63 -4.25 23.53
C3 GOL C . -9.10 -6.08 23.04
O3 GOL C . -9.25 -6.51 24.38
C1 GOL D . -7.01 -5.60 -41.76
O1 GOL D . -5.61 -5.63 -41.62
C2 GOL D . -7.65 -5.89 -40.41
O2 GOL D . -9.02 -5.56 -40.45
C3 GOL D . -7.50 -7.38 -40.10
O3 GOL D . -6.13 -7.69 -40.00
C1 GOL E . 7.24 -14.13 -11.95
O1 GOL E . 6.37 -15.20 -11.63
C2 GOL E . 6.86 -12.91 -11.14
O2 GOL E . 6.94 -13.22 -9.76
C3 GOL E . 7.83 -11.78 -11.45
O3 GOL E . 7.37 -10.58 -10.87
#